data_2JKI
#
_entry.id   2JKI
#
_cell.length_a   100.268
_cell.length_b   129.654
_cell.length_c   135.998
_cell.angle_alpha   90.00
_cell.angle_beta   90.00
_cell.angle_gamma   90.00
#
_symmetry.space_group_name_H-M   'P 21 21 21'
#
loop_
_entity.id
_entity.type
_entity.pdbx_description
1 polymer 'CYTOSOLIC HEAT SHOCK PROTEIN 90'
2 polymer 'SGT1-LIKE PROTEIN'
3 non-polymer "ADENOSINE-5'-DIPHOSPHATE"
#
loop_
_entity_poly.entity_id
_entity_poly.type
_entity_poly.pdbx_seq_one_letter_code
_entity_poly.pdbx_strand_id
1 'polypeptide(L)'
;HHHHHHMATETETFAFQAEINQLLSLIINTFYSNKEIFLRELISNSSDALDKIRFESLTDKSKLDAQPELFIHIIPDKAT
STLTIVDSGIGMTKSDLVNNLGTIARSGTKEFMEALAAGADVSMIGQFGVGFYSAYLVAERVVVTTKHNDDEQYVWESQA
GGSFTVTRDTSGEQLGRGTKMVLYLKDDQMEYLEERRIKDLVKRHSEFISYPISLWTEKTTEK
;
A,B,C
2 'polypeptide(L)'
;KYRHEYYQKPEEVVVTVFAKGIPKQNVNIDFGEQILSVVIEVPGEDAYYLQPRLFGKIIPDKCKYEVLSTKIEICLAKAD
IITWASLEHG
;
S,T,U
#
loop_
_chem_comp.id
_chem_comp.type
_chem_comp.name
_chem_comp.formula
ADP non-polymer ADENOSINE-5'-DIPHOSPHATE 'C10 H15 N5 O10 P2'
#
# COMPACT_ATOMS: atom_id res chain seq x y z
N GLU A 10 21.77 -33.23 -17.92
CA GLU A 10 22.89 -33.19 -16.98
C GLU A 10 23.01 -34.40 -16.07
N THR A 11 22.24 -32.46 -13.54
CA THR A 11 21.60 -32.81 -12.27
C THR A 11 21.47 -31.57 -11.38
N GLU A 12 20.50 -31.58 -10.47
CA GLU A 12 20.21 -30.44 -9.60
C GLU A 12 20.16 -30.97 -8.17
N THR A 13 20.49 -30.12 -7.21
CA THR A 13 20.50 -30.56 -5.81
C THR A 13 19.57 -29.75 -4.91
N PHE A 14 18.76 -30.45 -4.11
CA PHE A 14 17.86 -29.76 -3.22
C PHE A 14 18.13 -30.23 -1.81
N ALA A 15 17.86 -29.39 -0.83
CA ALA A 15 18.05 -29.85 0.52
C ALA A 15 16.69 -30.16 1.07
N PHE A 16 16.57 -31.27 1.79
CA PHE A 16 15.33 -31.65 2.45
C PHE A 16 14.85 -30.53 3.35
N GLN A 17 13.55 -30.30 3.34
CA GLN A 17 12.97 -29.32 4.21
C GLN A 17 13.26 -29.70 5.67
N ALA A 18 13.34 -28.70 6.53
CA ALA A 18 13.66 -28.92 7.94
C ALA A 18 13.00 -30.15 8.50
N GLU A 19 11.68 -30.08 8.64
CA GLU A 19 10.90 -31.14 9.24
C GLU A 19 11.32 -32.51 8.72
N ILE A 20 11.50 -32.62 7.41
CA ILE A 20 11.78 -33.92 6.83
C ILE A 20 13.17 -34.41 7.18
N ASN A 21 14.11 -33.49 7.35
CA ASN A 21 15.41 -33.93 7.79
C ASN A 21 15.31 -34.60 9.15
N GLN A 22 14.53 -33.99 10.05
CA GLN A 22 14.37 -34.51 11.39
C GLN A 22 13.74 -35.89 11.32
N LEU A 23 12.70 -36.02 10.50
CA LEU A 23 11.99 -37.29 10.39
C LEU A 23 12.95 -38.34 9.86
N LEU A 24 13.65 -38.01 8.78
CA LEU A 24 14.62 -38.92 8.19
C LEU A 24 15.65 -39.34 9.22
N SER A 25 15.94 -38.46 10.18
CA SER A 25 16.89 -38.85 11.22
C SER A 25 16.28 -39.88 12.15
N LEU A 26 15.15 -39.53 12.74
CA LEU A 26 14.41 -40.47 13.56
C LEU A 26 14.31 -41.83 12.90
N ILE A 27 14.03 -41.85 11.61
CA ILE A 27 13.83 -43.11 10.90
C ILE A 27 15.11 -43.93 10.87
N ILE A 28 16.20 -43.28 10.49
CA ILE A 28 17.42 -44.01 10.14
C ILE A 28 18.38 -44.17 11.33
N ASN A 29 18.05 -43.56 12.46
CA ASN A 29 18.92 -43.52 13.65
C ASN A 29 18.37 -44.18 14.90
N THR A 30 17.05 -44.34 14.97
CA THR A 30 16.46 -45.11 16.05
C THR A 30 16.27 -46.53 15.59
N PHE A 31 16.40 -47.46 16.53
CA PHE A 31 16.10 -48.83 16.21
C PHE A 31 14.64 -49.09 16.49
N TYR A 32 13.86 -49.30 15.42
CA TYR A 32 12.44 -49.60 15.53
C TYR A 32 12.27 -51.09 15.31
N SER A 33 11.18 -51.64 15.81
CA SER A 33 10.93 -53.07 15.64
C SER A 33 10.27 -53.38 14.30
N ASN A 34 9.20 -52.65 13.99
CA ASN A 34 8.35 -53.03 12.88
C ASN A 34 8.79 -52.48 11.54
N LYS A 35 10.01 -52.81 11.14
CA LYS A 35 10.54 -52.21 9.94
C LYS A 35 9.87 -52.77 8.68
N GLU A 36 9.29 -53.96 8.77
CA GLU A 36 8.77 -54.65 7.58
C GLU A 36 7.65 -53.94 6.84
N ILE A 37 7.00 -52.98 7.49
CA ILE A 37 5.89 -52.32 6.84
C ILE A 37 6.38 -51.39 5.72
N PHE A 38 7.68 -51.33 5.47
CA PHE A 38 8.14 -50.47 4.41
C PHE A 38 7.58 -51.01 3.10
N LEU A 39 7.60 -52.32 2.92
CA LEU A 39 7.14 -52.89 1.66
C LEU A 39 5.65 -52.63 1.47
N ARG A 40 4.91 -52.58 2.56
CA ARG A 40 3.49 -52.26 2.46
C ARG A 40 3.33 -50.86 1.92
N GLU A 41 4.07 -49.93 2.48
CA GLU A 41 3.93 -48.51 2.17
C GLU A 41 4.33 -48.24 0.74
N LEU A 42 5.27 -49.03 0.23
CA LEU A 42 5.78 -48.81 -1.11
C LEU A 42 4.82 -49.40 -2.10
N ILE A 43 4.44 -50.65 -1.85
CA ILE A 43 3.47 -51.33 -2.69
C ILE A 43 2.20 -50.50 -2.74
N SER A 44 1.82 -49.93 -1.60
CA SER A 44 0.68 -49.04 -1.60
C SER A 44 0.90 -47.82 -2.47
N ASN A 45 1.88 -47.00 -2.11
CA ASN A 45 2.09 -45.71 -2.76
C ASN A 45 2.11 -46.00 -4.28
N SER A 46 2.47 -47.23 -4.59
CA SER A 46 2.53 -47.68 -5.97
C SER A 46 1.18 -48.07 -6.55
N SER A 47 0.31 -48.68 -5.75
CA SER A 47 -1.07 -48.87 -6.16
C SER A 47 -1.72 -47.51 -6.43
N ASP A 48 -1.75 -46.66 -5.43
CA ASP A 48 -2.29 -45.31 -5.57
C ASP A 48 -1.87 -44.66 -6.88
N ALA A 49 -0.64 -44.91 -7.32
CA ALA A 49 -0.14 -44.31 -8.55
C ALA A 49 -0.79 -44.91 -9.78
N LEU A 50 -1.05 -46.21 -9.72
CA LEU A 50 -1.73 -46.91 -10.82
C LEU A 50 -3.17 -46.45 -10.95
N ASP A 51 -3.87 -46.35 -9.82
CA ASP A 51 -5.22 -45.82 -9.83
C ASP A 51 -5.25 -44.54 -10.67
N LYS A 52 -4.30 -43.64 -10.44
CA LYS A 52 -4.34 -42.32 -11.09
C LYS A 52 -4.27 -42.43 -12.59
N ILE A 53 -3.29 -43.15 -13.12
CA ILE A 53 -3.17 -43.30 -14.55
C ILE A 53 -4.36 -44.07 -15.13
N ARG A 54 -5.04 -44.84 -14.31
CA ARG A 54 -6.20 -45.58 -14.78
C ARG A 54 -7.38 -44.62 -14.94
N PHE A 55 -7.66 -43.84 -13.91
CA PHE A 55 -8.71 -42.84 -13.99
C PHE A 55 -8.46 -41.87 -15.15
N GLU A 56 -7.23 -41.41 -15.28
CA GLU A 56 -6.90 -40.51 -16.40
C GLU A 56 -7.17 -41.17 -17.74
N SER A 57 -7.34 -42.49 -17.75
CA SER A 57 -7.45 -43.24 -19.00
C SER A 57 -8.89 -43.62 -19.37
N LEU A 58 -9.82 -43.42 -18.44
CA LEU A 58 -11.22 -43.67 -18.74
C LEU A 58 -11.64 -42.75 -19.85
N THR A 59 -11.10 -41.54 -19.83
CA THR A 59 -11.47 -40.53 -20.80
C THR A 59 -10.28 -40.13 -21.66
N ASP A 60 -9.62 -41.12 -22.26
CA ASP A 60 -8.42 -40.89 -23.08
C ASP A 60 -7.60 -42.18 -23.19
N LYS A 61 -8.11 -43.14 -23.94
CA LYS A 61 -7.43 -44.44 -24.02
C LYS A 61 -5.94 -44.31 -24.35
N SER A 62 -5.54 -43.17 -24.91
CA SER A 62 -4.18 -43.01 -25.36
C SER A 62 -3.21 -42.67 -24.24
N LYS A 63 -3.69 -42.68 -23.00
CA LYS A 63 -2.87 -42.27 -21.87
C LYS A 63 -1.85 -43.34 -21.55
N LEU A 64 -2.26 -44.60 -21.71
CA LEU A 64 -1.40 -45.72 -21.39
C LEU A 64 -0.65 -46.23 -22.60
N ASP A 65 -0.69 -45.48 -23.69
CA ASP A 65 0.00 -45.88 -24.89
C ASP A 65 1.48 -46.16 -24.60
N ALA A 66 2.08 -45.31 -23.78
CA ALA A 66 3.52 -45.42 -23.50
C ALA A 66 3.89 -46.81 -22.99
N GLN A 67 2.91 -47.52 -22.43
CA GLN A 67 3.11 -48.79 -21.72
C GLN A 67 1.80 -49.28 -21.12
N PRO A 68 1.10 -50.18 -21.83
CA PRO A 68 -0.34 -50.41 -21.69
C PRO A 68 -0.75 -51.30 -20.53
N GLU A 69 0.19 -52.01 -19.92
CA GLU A 69 -0.15 -52.93 -18.83
C GLU A 69 0.01 -52.29 -17.46
N LEU A 70 -1.04 -52.38 -16.63
CA LEU A 70 -0.97 -51.87 -15.26
C LEU A 70 -0.44 -52.95 -14.29
N PHE A 71 0.77 -52.74 -13.75
CA PHE A 71 1.40 -53.78 -12.92
C PHE A 71 2.33 -53.28 -11.81
N ILE A 72 2.69 -54.21 -10.92
CA ILE A 72 3.70 -53.98 -9.89
C ILE A 72 4.69 -55.14 -9.86
N HIS A 73 5.97 -54.85 -10.02
CA HIS A 73 7.00 -55.89 -10.05
C HIS A 73 7.94 -55.72 -8.87
N ILE A 74 8.28 -56.82 -8.20
CA ILE A 74 9.23 -56.78 -7.10
C ILE A 74 10.42 -57.61 -7.48
N ILE A 75 11.60 -56.99 -7.46
CA ILE A 75 12.81 -57.61 -7.98
C ILE A 75 13.97 -57.56 -6.99
N PRO A 76 14.17 -58.66 -6.27
CA PRO A 76 15.22 -58.71 -5.25
C PRO A 76 16.51 -59.20 -5.88
N ASP A 77 17.54 -58.36 -5.93
CA ASP A 77 18.83 -58.84 -6.41
C ASP A 77 19.77 -59.15 -5.26
N LYS A 78 19.96 -60.45 -5.01
CA LYS A 78 20.80 -60.93 -3.91
C LYS A 78 22.21 -60.35 -4.01
N ALA A 79 22.70 -60.28 -5.25
CA ALA A 79 24.04 -59.83 -5.61
C ALA A 79 24.38 -58.44 -5.15
N THR A 80 23.64 -57.46 -5.64
CA THR A 80 23.88 -56.07 -5.32
C THR A 80 23.22 -55.68 -4.00
N SER A 81 22.45 -56.61 -3.45
CA SER A 81 21.78 -56.41 -2.17
C SER A 81 20.75 -55.29 -2.27
N THR A 82 19.91 -55.39 -3.28
CA THR A 82 18.88 -54.39 -3.53
C THR A 82 17.50 -55.03 -3.73
N LEU A 83 16.53 -54.54 -2.98
CA LEU A 83 15.12 -54.82 -3.27
C LEU A 83 14.67 -53.67 -4.14
N THR A 84 14.01 -53.98 -5.25
CA THR A 84 13.54 -52.93 -6.13
C THR A 84 12.11 -53.15 -6.60
N ILE A 85 11.32 -52.07 -6.55
CA ILE A 85 9.91 -52.10 -6.90
C ILE A 85 9.65 -51.18 -8.05
N VAL A 86 8.94 -51.69 -9.06
CA VAL A 86 8.60 -50.94 -10.26
C VAL A 86 7.13 -51.06 -10.67
N ASP A 87 6.53 -49.94 -11.06
CA ASP A 87 5.14 -49.93 -11.40
C ASP A 87 4.98 -49.22 -12.72
N SER A 88 3.82 -49.44 -13.33
CA SER A 88 3.41 -48.73 -14.53
C SER A 88 2.36 -47.70 -14.13
N GLY A 89 2.56 -47.09 -12.95
CA GLY A 89 1.63 -46.09 -12.45
C GLY A 89 1.76 -44.79 -13.22
N ILE A 90 1.14 -43.73 -12.73
CA ILE A 90 1.10 -42.48 -13.46
C ILE A 90 2.45 -41.80 -13.53
N GLY A 91 3.34 -42.12 -12.60
CA GLY A 91 4.68 -41.58 -12.62
C GLY A 91 4.80 -40.16 -12.07
N MET A 92 6.03 -39.64 -12.02
CA MET A 92 6.26 -38.27 -11.57
C MET A 92 7.00 -37.40 -12.58
N THR A 93 6.57 -36.15 -12.71
CA THR A 93 7.28 -35.16 -13.49
C THR A 93 8.46 -34.75 -12.62
N LYS A 94 9.43 -34.02 -13.17
CA LYS A 94 10.53 -33.58 -12.35
C LYS A 94 9.97 -32.71 -11.24
N SER A 95 9.03 -31.85 -11.59
CA SER A 95 8.44 -30.94 -10.63
C SER A 95 7.84 -31.74 -9.50
N ASP A 96 7.21 -32.85 -9.87
CA ASP A 96 6.58 -33.71 -8.88
C ASP A 96 7.63 -34.28 -7.93
N LEU A 97 8.76 -34.72 -8.49
CA LEU A 97 9.85 -35.25 -7.68
C LEU A 97 10.31 -34.23 -6.64
N VAL A 98 10.64 -33.04 -7.09
CA VAL A 98 11.11 -32.02 -6.18
C VAL A 98 10.07 -31.65 -5.14
N ASN A 99 8.78 -31.80 -5.48
CA ASN A 99 7.74 -31.30 -4.59
C ASN A 99 7.26 -32.31 -3.56
N ASN A 100 7.23 -33.57 -3.96
CA ASN A 100 6.70 -34.61 -3.09
C ASN A 100 7.77 -35.34 -2.30
N LEU A 101 8.88 -35.63 -2.96
CA LEU A 101 9.97 -36.34 -2.31
C LEU A 101 11.00 -35.42 -1.64
N GLY A 102 10.53 -34.42 -0.90
CA GLY A 102 11.42 -33.75 0.01
C GLY A 102 11.41 -32.24 0.20
N THR A 103 10.78 -31.50 -0.70
CA THR A 103 10.91 -30.05 -0.67
C THR A 103 9.78 -29.36 0.09
N ILE A 104 8.60 -29.93 -0.06
CA ILE A 104 7.42 -29.48 0.64
C ILE A 104 7.27 -30.44 1.79
N ALA A 105 6.97 -29.93 2.99
CA ALA A 105 6.76 -30.79 4.15
C ALA A 105 5.28 -30.87 4.49
N ARG A 106 4.60 -31.95 4.11
CA ARG A 106 3.16 -32.01 4.36
C ARG A 106 2.93 -31.88 5.87
N SER A 107 1.69 -31.57 6.26
CA SER A 107 1.37 -31.32 7.66
C SER A 107 1.65 -32.52 8.58
N GLY A 108 1.36 -33.72 8.08
CA GLY A 108 1.53 -34.93 8.86
C GLY A 108 2.96 -35.15 9.32
N THR A 109 3.91 -34.51 8.65
CA THR A 109 5.32 -34.72 8.98
C THR A 109 5.59 -34.34 10.42
N LYS A 110 5.32 -33.10 10.76
CA LYS A 110 5.49 -32.64 12.14
C LYS A 110 4.56 -33.44 13.08
N GLU A 111 3.27 -33.48 12.75
CA GLU A 111 2.32 -34.25 13.54
C GLU A 111 2.86 -35.66 13.91
N PHE A 112 3.33 -36.41 12.90
CA PHE A 112 3.90 -37.75 13.08
C PHE A 112 5.01 -37.79 14.11
N MET A 113 6.01 -36.93 13.95
CA MET A 113 7.12 -36.94 14.90
C MET A 113 6.65 -36.69 16.33
N GLU A 114 5.76 -35.73 16.51
CA GLU A 114 5.21 -35.48 17.84
C GLU A 114 4.63 -36.78 18.37
N ALA A 115 3.72 -37.37 17.59
CA ALA A 115 3.09 -38.65 17.93
C ALA A 115 4.11 -39.74 18.23
N LEU A 116 5.17 -39.78 17.44
CA LEU A 116 6.20 -40.77 17.61
C LEU A 116 6.75 -40.70 19.00
N ALA A 117 7.09 -39.48 19.41
CA ALA A 117 7.75 -39.28 20.69
C ALA A 117 6.74 -39.50 21.82
N ALA A 118 5.49 -39.20 21.54
CA ALA A 118 4.42 -39.52 22.49
C ALA A 118 4.09 -41.02 22.51
N GLY A 119 4.96 -41.81 21.89
CA GLY A 119 4.92 -43.26 22.00
C GLY A 119 4.00 -43.94 21.00
N ALA A 120 3.88 -43.37 19.81
CA ALA A 120 3.15 -44.01 18.73
C ALA A 120 4.09 -44.97 18.05
N ASP A 121 3.56 -45.82 17.16
CA ASP A 121 4.41 -46.80 16.51
C ASP A 121 4.78 -46.38 15.11
N VAL A 122 6.02 -46.65 14.72
CA VAL A 122 6.54 -46.16 13.45
C VAL A 122 5.72 -46.66 12.28
N SER A 123 4.99 -47.76 12.46
CA SER A 123 4.11 -48.27 11.41
C SER A 123 2.99 -47.29 11.01
N MET A 124 2.78 -46.25 11.81
CA MET A 124 1.77 -45.25 11.47
C MET A 124 2.31 -44.24 10.48
N ILE A 125 3.56 -44.44 10.09
CA ILE A 125 4.25 -43.46 9.25
C ILE A 125 3.42 -43.24 7.99
N GLY A 126 2.65 -44.25 7.62
CA GLY A 126 1.81 -44.17 6.44
C GLY A 126 0.62 -43.25 6.66
N GLN A 127 -0.12 -43.50 7.74
CA GLN A 127 -1.32 -42.76 8.02
C GLN A 127 -1.07 -41.27 8.16
N PHE A 128 0.19 -40.88 8.34
CA PHE A 128 0.54 -39.48 8.51
C PHE A 128 1.09 -38.80 7.24
N GLY A 129 1.09 -39.51 6.12
CA GLY A 129 1.36 -38.86 4.85
C GLY A 129 2.82 -38.71 4.50
N VAL A 130 3.65 -39.51 5.13
CA VAL A 130 5.07 -39.54 4.81
C VAL A 130 5.57 -40.98 4.61
N GLY A 131 4.70 -41.83 4.10
CA GLY A 131 4.99 -43.23 3.92
C GLY A 131 6.28 -43.51 3.17
N PHE A 132 6.57 -42.69 2.18
CA PHE A 132 7.70 -42.94 1.30
C PHE A 132 8.99 -43.18 2.05
N TYR A 133 9.20 -42.39 3.11
CA TYR A 133 10.48 -42.38 3.79
C TYR A 133 10.65 -43.60 4.67
N SER A 134 9.59 -44.37 4.83
CA SER A 134 9.69 -45.62 5.57
C SER A 134 10.77 -46.47 4.94
N ALA A 135 11.10 -46.20 3.68
CA ALA A 135 12.11 -46.97 2.98
C ALA A 135 13.43 -46.90 3.72
N TYR A 136 13.71 -45.78 4.36
CA TYR A 136 15.00 -45.63 5.03
C TYR A 136 15.07 -46.40 6.35
N LEU A 137 13.96 -47.01 6.73
CA LEU A 137 14.00 -47.95 7.84
C LEU A 137 14.97 -49.10 7.50
N VAL A 138 15.00 -49.53 6.25
CA VAL A 138 15.72 -50.72 5.87
C VAL A 138 16.77 -50.46 4.80
N ALA A 139 16.71 -49.29 4.18
CA ALA A 139 17.65 -48.94 3.12
C ALA A 139 18.59 -47.82 3.57
N GLU A 140 19.80 -47.83 3.02
CA GLU A 140 20.78 -46.82 3.39
C GLU A 140 20.87 -45.82 2.27
N ARG A 141 20.49 -46.26 1.07
CA ARG A 141 20.40 -45.40 -0.09
C ARG A 141 19.20 -45.79 -0.96
N VAL A 142 18.40 -44.82 -1.36
CA VAL A 142 17.27 -45.11 -2.22
C VAL A 142 17.42 -44.37 -3.54
N VAL A 143 17.12 -45.04 -4.65
CA VAL A 143 17.19 -44.41 -5.96
C VAL A 143 15.92 -44.60 -6.80
N VAL A 144 15.10 -43.54 -6.78
CA VAL A 144 13.84 -43.50 -7.50
C VAL A 144 14.03 -42.99 -8.94
N THR A 145 13.55 -43.76 -9.90
CA THR A 145 13.65 -43.34 -11.28
C THR A 145 12.26 -43.44 -11.87
N THR A 146 11.81 -42.35 -12.47
CA THR A 146 10.40 -42.25 -12.83
C THR A 146 10.23 -41.55 -14.17
N LYS A 147 9.18 -41.92 -14.89
CA LYS A 147 8.83 -41.27 -16.14
C LYS A 147 7.34 -41.00 -16.18
N HIS A 148 6.98 -39.73 -16.31
CA HIS A 148 5.58 -39.34 -16.44
C HIS A 148 5.27 -38.85 -17.85
N ASN A 149 4.09 -39.21 -18.38
CA ASN A 149 3.72 -38.81 -19.72
C ASN A 149 4.15 -37.37 -20.09
N ASP A 150 3.99 -36.43 -19.16
CA ASP A 150 4.14 -35.02 -19.49
C ASP A 150 5.57 -34.50 -19.50
N ASP A 151 6.48 -35.29 -18.94
CA ASP A 151 7.91 -34.94 -18.82
C ASP A 151 8.74 -36.14 -19.28
N GLU A 152 10.06 -36.02 -19.16
CA GLU A 152 10.95 -37.13 -19.47
C GLU A 152 11.33 -37.89 -18.22
N GLN A 153 12.10 -38.97 -18.37
CA GLN A 153 12.52 -39.78 -17.23
C GLN A 153 13.58 -39.07 -16.38
N TYR A 154 13.39 -39.08 -15.07
CA TYR A 154 14.35 -38.44 -14.18
C TYR A 154 14.70 -39.40 -13.07
N VAL A 155 15.76 -39.08 -12.34
CA VAL A 155 16.17 -39.91 -11.22
C VAL A 155 16.46 -39.12 -9.96
N TRP A 156 15.68 -39.46 -8.94
CA TRP A 156 15.82 -38.94 -7.59
C TRP A 156 16.69 -39.92 -6.79
N GLU A 157 17.67 -39.40 -6.08
CA GLU A 157 18.53 -40.25 -5.29
C GLU A 157 18.87 -39.54 -3.97
N SER A 158 18.84 -40.28 -2.87
CA SER A 158 19.28 -39.72 -1.60
C SER A 158 19.78 -40.76 -0.61
N GLN A 159 20.65 -40.31 0.29
CA GLN A 159 21.16 -41.14 1.37
C GLN A 159 20.73 -40.58 2.71
N ALA A 160 19.81 -39.63 2.67
CA ALA A 160 19.21 -39.07 3.89
C ALA A 160 20.19 -38.14 4.57
N GLY A 161 21.24 -37.80 3.82
CA GLY A 161 22.25 -36.88 4.32
C GLY A 161 21.87 -35.41 4.19
N GLY A 162 20.60 -35.11 4.42
CA GLY A 162 20.11 -33.74 4.42
C GLY A 162 19.79 -33.09 3.08
N SER A 163 20.01 -33.83 1.99
CA SER A 163 19.74 -33.33 0.66
C SER A 163 19.48 -34.49 -0.30
N PHE A 164 19.02 -34.16 -1.50
CA PHE A 164 18.78 -35.14 -2.56
C PHE A 164 19.02 -34.54 -3.94
N THR A 165 19.10 -35.40 -4.94
CA THR A 165 19.42 -34.96 -6.28
C THR A 165 18.34 -35.41 -7.24
N VAL A 166 18.05 -34.57 -8.23
CA VAL A 166 17.21 -34.96 -9.34
C VAL A 166 18.03 -34.85 -10.61
N THR A 167 18.01 -35.88 -11.44
CA THR A 167 18.87 -35.86 -12.61
C THR A 167 18.14 -36.43 -13.79
N ARG A 168 18.34 -35.86 -14.97
CA ARG A 168 17.66 -36.42 -16.14
C ARG A 168 18.29 -37.75 -16.56
N ASP A 169 17.44 -38.71 -16.91
CA ASP A 169 17.94 -40.05 -17.24
C ASP A 169 18.33 -40.21 -18.71
N THR A 170 19.57 -40.61 -18.89
CA THR A 170 20.13 -40.85 -20.21
C THR A 170 20.63 -42.29 -20.28
N SER A 171 21.63 -42.60 -19.45
CA SER A 171 22.24 -43.94 -19.39
C SER A 171 21.24 -45.06 -19.10
N GLY A 172 20.16 -44.73 -18.39
CA GLY A 172 19.23 -45.72 -17.88
C GLY A 172 18.37 -46.38 -18.94
N GLU A 173 17.83 -47.53 -18.56
CA GLU A 173 16.89 -48.26 -19.41
C GLU A 173 15.58 -47.55 -19.20
N GLN A 174 14.91 -47.20 -20.29
CA GLN A 174 13.74 -46.33 -20.21
C GLN A 174 12.46 -47.10 -19.86
N LEU A 175 11.74 -46.64 -18.83
CA LEU A 175 10.44 -47.22 -18.50
C LEU A 175 9.42 -46.56 -19.39
N GLY A 176 8.34 -47.25 -19.69
CA GLY A 176 7.35 -46.62 -20.55
C GLY A 176 6.74 -45.47 -19.78
N ARG A 177 6.34 -45.81 -18.57
CA ARG A 177 5.65 -44.92 -17.68
C ARG A 177 5.78 -45.53 -16.30
N GLY A 178 5.85 -44.68 -15.28
CA GLY A 178 5.88 -45.15 -13.91
C GLY A 178 7.17 -44.93 -13.14
N THR A 179 7.43 -45.81 -12.20
CA THR A 179 8.45 -45.54 -11.21
C THR A 179 9.15 -46.82 -10.77
N LYS A 180 10.47 -46.72 -10.57
CA LYS A 180 11.33 -47.84 -10.19
C LYS A 180 12.09 -47.37 -8.96
N MET A 181 11.64 -47.79 -7.79
CA MET A 181 12.36 -47.52 -6.55
C MET A 181 13.34 -48.63 -6.26
N VAL A 182 14.61 -48.26 -6.08
CA VAL A 182 15.60 -49.24 -5.70
C VAL A 182 16.12 -48.99 -4.30
N LEU A 183 16.00 -50.00 -3.45
CA LEU A 183 16.45 -49.90 -2.07
C LEU A 183 17.77 -50.66 -1.85
N TYR A 184 18.84 -49.92 -1.64
CA TYR A 184 20.11 -50.51 -1.29
C TYR A 184 20.08 -50.82 0.19
N LEU A 185 19.95 -52.11 0.48
CA LEU A 185 19.55 -52.53 1.82
C LEU A 185 20.68 -52.42 2.82
N LYS A 186 20.35 -52.02 4.04
CA LYS A 186 21.34 -52.02 5.13
C LYS A 186 21.69 -53.46 5.47
N ASP A 187 22.79 -53.63 6.18
CA ASP A 187 23.32 -54.97 6.50
C ASP A 187 22.35 -55.91 7.19
N ASP A 188 21.93 -55.55 8.41
CA ASP A 188 20.94 -56.33 9.17
C ASP A 188 19.65 -56.65 8.41
N GLN A 189 19.29 -55.78 7.47
CA GLN A 189 18.01 -55.89 6.81
C GLN A 189 18.03 -56.83 5.60
N MET A 190 18.95 -57.79 5.58
CA MET A 190 19.15 -58.59 4.38
C MET A 190 17.99 -59.58 4.09
N GLU A 191 17.02 -59.62 5.00
CA GLU A 191 15.99 -60.64 4.94
C GLU A 191 14.94 -60.37 3.89
N TYR A 192 14.86 -59.13 3.42
CA TYR A 192 13.80 -58.75 2.52
C TYR A 192 14.19 -59.07 1.10
N LEU A 193 15.17 -59.96 0.95
CA LEU A 193 15.63 -60.38 -0.37
C LEU A 193 15.15 -61.79 -0.68
N GLU A 194 14.72 -62.50 0.37
CA GLU A 194 14.32 -63.90 0.26
C GLU A 194 12.96 -63.97 -0.35
N GLU A 195 12.76 -64.95 -1.22
CA GLU A 195 11.50 -65.10 -1.91
C GLU A 195 10.36 -65.40 -0.94
N ARG A 196 10.61 -66.25 0.05
CA ARG A 196 9.56 -66.63 0.99
C ARG A 196 9.08 -65.43 1.78
N ARG A 197 10.02 -64.62 2.26
CA ARG A 197 9.70 -63.45 3.07
C ARG A 197 8.84 -62.47 2.28
N ILE A 198 9.26 -62.21 1.06
CA ILE A 198 8.57 -61.21 0.27
C ILE A 198 7.16 -61.69 0.03
N LYS A 199 7.02 -62.96 -0.30
CA LYS A 199 5.71 -63.50 -0.62
C LYS A 199 4.77 -63.36 0.59
N ASP A 200 5.33 -63.54 1.77
CA ASP A 200 4.61 -63.38 3.04
C ASP A 200 4.10 -61.97 3.11
N LEU A 201 5.06 -61.06 3.12
CA LEU A 201 4.77 -59.66 3.37
C LEU A 201 3.68 -59.17 2.44
N VAL A 202 3.81 -59.48 1.17
CA VAL A 202 2.79 -59.12 0.19
C VAL A 202 1.41 -59.62 0.63
N LYS A 203 1.27 -60.93 0.80
CA LYS A 203 -0.02 -61.50 1.24
C LYS A 203 -0.50 -60.79 2.51
N ARG A 204 0.41 -60.47 3.40
CA ARG A 204 0.01 -60.05 4.72
C ARG A 204 -0.64 -58.67 4.76
N HIS A 205 -0.33 -57.80 3.80
CA HIS A 205 -0.76 -56.41 3.89
C HIS A 205 -1.54 -55.91 2.68
N SER A 206 -1.43 -56.66 1.59
CA SER A 206 -2.01 -56.29 0.33
C SER A 206 -3.16 -57.21 -0.01
N GLU A 207 -4.24 -57.08 0.75
CA GLU A 207 -5.42 -57.92 0.59
C GLU A 207 -6.57 -56.98 0.25
N PHE A 208 -6.21 -55.86 -0.36
CA PHE A 208 -7.17 -54.85 -0.78
C PHE A 208 -6.69 -54.19 -2.07
N ILE A 209 -5.49 -54.55 -2.51
CA ILE A 209 -4.88 -53.89 -3.66
C ILE A 209 -5.05 -54.66 -4.95
N SER A 210 -5.58 -53.97 -5.96
CA SER A 210 -6.17 -54.63 -7.11
C SER A 210 -5.36 -54.61 -8.40
N TYR A 211 -4.06 -54.87 -8.32
CA TYR A 211 -3.30 -55.11 -9.55
C TYR A 211 -2.35 -56.24 -9.32
N PRO A 212 -1.95 -56.91 -10.39
CA PRO A 212 -0.97 -57.98 -10.40
C PRO A 212 0.36 -57.59 -9.75
N ILE A 213 0.66 -58.17 -8.60
CA ILE A 213 2.01 -58.05 -8.07
C ILE A 213 2.81 -59.33 -8.40
N SER A 214 3.95 -59.14 -9.07
CA SER A 214 4.78 -60.25 -9.53
C SER A 214 6.15 -60.21 -8.86
N LEU A 215 6.79 -61.37 -8.71
CA LEU A 215 8.07 -61.48 -8.03
C LEU A 215 9.14 -62.04 -8.96
N TRP A 216 9.97 -61.16 -9.51
CA TRP A 216 10.95 -61.56 -10.51
C TRP A 216 12.27 -62.05 -9.91
N THR A 217 12.17 -62.65 -8.71
CA THR A 217 13.18 -63.59 -8.23
C THR A 217 12.85 -64.86 -8.99
N GLU A 218 12.82 -64.69 -10.31
CA GLU A 218 12.37 -65.68 -11.30
C GLU A 218 10.83 -65.72 -11.51
N LYS A 219 10.37 -65.26 -12.68
CA LYS A 219 9.00 -65.55 -13.13
C LYS A 219 7.78 -64.77 -12.56
N THR A 220 7.16 -65.33 -11.51
CA THR A 220 5.68 -65.35 -11.33
C THR A 220 4.99 -64.38 -10.34
N THR A 221 3.65 -64.41 -10.34
CA THR A 221 2.81 -63.46 -9.59
C THR A 221 2.12 -64.14 -8.40
N GLU A 222 1.73 -63.37 -7.38
CA GLU A 222 1.08 -63.97 -6.19
C GLU A 222 -0.03 -63.14 -5.56
N LYS A 223 -0.37 -63.46 -4.29
CA LYS A 223 -1.63 -63.03 -3.64
C LYS A 223 -1.56 -61.88 -2.62
N HIS B 1 -51.01 11.02 -25.22
CA HIS B 1 -49.66 10.68 -25.68
C HIS B 1 -48.53 11.07 -24.71
N HIS B 2 -47.96 12.26 -24.96
CA HIS B 2 -46.99 12.93 -24.07
C HIS B 2 -45.53 12.44 -24.15
N HIS B 3 -45.25 11.22 -23.70
CA HIS B 3 -43.88 10.79 -23.37
C HIS B 3 -43.31 11.65 -22.22
N HIS B 4 -42.10 12.17 -22.30
CA HIS B 4 -41.63 12.91 -21.12
C HIS B 4 -40.10 13.08 -20.95
N HIS B 5 -39.65 13.80 -19.92
CA HIS B 5 -38.24 13.68 -19.57
C HIS B 5 -37.71 14.47 -18.34
N HIS B 6 -36.39 14.66 -18.23
CA HIS B 6 -35.80 15.93 -17.73
C HIS B 6 -34.30 16.02 -17.40
N MET B 7 -33.84 17.17 -16.88
CA MET B 7 -32.53 17.29 -16.14
C MET B 7 -31.23 17.85 -16.82
N ALA B 8 -30.50 18.66 -16.05
CA ALA B 8 -29.41 19.54 -16.53
C ALA B 8 -28.33 18.84 -17.32
N THR B 9 -27.31 19.57 -17.75
CA THR B 9 -26.26 18.97 -18.62
C THR B 9 -24.84 19.52 -18.41
N GLU B 10 -23.95 18.69 -17.85
CA GLU B 10 -22.65 19.14 -17.32
C GLU B 10 -21.50 18.93 -18.30
N THR B 11 -20.95 18.88 -20.36
CA THR B 11 -19.84 17.97 -20.59
C THR B 11 -18.54 18.75 -20.45
N GLU B 12 -17.46 18.03 -20.16
CA GLU B 12 -16.14 18.63 -19.95
C GLU B 12 -15.15 17.84 -20.79
N THR B 13 -14.06 18.49 -21.19
CA THR B 13 -13.06 17.83 -22.04
C THR B 13 -11.67 17.83 -21.43
N PHE B 14 -11.03 16.68 -21.42
CA PHE B 14 -9.68 16.56 -20.90
C PHE B 14 -8.78 15.99 -21.98
N ALA B 15 -7.51 16.36 -21.94
CA ALA B 15 -6.58 15.78 -22.89
C ALA B 15 -5.80 14.69 -22.20
N PHE B 16 -5.63 13.55 -22.88
CA PHE B 16 -4.88 12.45 -22.30
C PHE B 16 -3.51 12.95 -21.95
N GLN B 17 -3.00 12.47 -20.82
CA GLN B 17 -1.65 12.78 -20.41
C GLN B 17 -0.67 12.28 -21.49
N ALA B 18 0.47 12.94 -21.60
CA ALA B 18 1.47 12.64 -22.63
C ALA B 18 1.67 11.14 -22.83
N GLU B 19 2.21 10.50 -21.80
CA GLU B 19 2.50 9.08 -21.83
C GLU B 19 1.35 8.29 -22.43
N ILE B 20 0.13 8.58 -21.97
CA ILE B 20 -1.02 7.83 -22.40
C ILE B 20 -1.36 8.04 -23.86
N ASN B 21 -1.14 9.24 -24.36
CA ASN B 21 -1.33 9.45 -25.78
C ASN B 21 -0.43 8.54 -26.58
N GLN B 22 0.83 8.44 -26.14
CA GLN B 22 1.82 7.62 -26.82
C GLN B 22 1.38 6.16 -26.81
N LEU B 23 0.96 5.70 -25.64
CA LEU B 23 0.54 4.32 -25.52
C LEU B 23 -0.65 4.09 -26.45
N LEU B 24 -1.64 4.97 -26.35
CA LEU B 24 -2.84 4.83 -27.15
C LEU B 24 -2.48 4.76 -28.61
N SER B 25 -1.40 5.45 -29.00
CA SER B 25 -0.96 5.38 -30.39
C SER B 25 -0.40 4.00 -30.76
N LEU B 26 0.62 3.57 -30.04
CA LEU B 26 1.14 2.21 -30.17
C LEU B 26 0.03 1.18 -30.28
N ILE B 27 -0.98 1.28 -29.40
CA ILE B 27 -2.07 0.32 -29.38
C ILE B 27 -2.84 0.31 -30.71
N ILE B 28 -3.26 1.50 -31.15
CA ILE B 28 -4.23 1.59 -32.21
C ILE B 28 -3.59 1.69 -33.59
N ASN B 29 -2.26 1.79 -33.62
CA ASN B 29 -1.54 2.02 -34.88
C ASN B 29 -0.58 0.90 -35.29
N THR B 30 -0.17 0.08 -34.34
CA THR B 30 0.62 -1.11 -34.65
C THR B 30 -0.29 -2.31 -34.79
N PHE B 31 0.06 -3.20 -35.70
CA PHE B 31 -0.71 -4.42 -35.81
C PHE B 31 -0.11 -5.41 -34.87
N TYR B 32 -0.86 -5.77 -33.84
CA TYR B 32 -0.43 -6.78 -32.88
C TYR B 32 -1.20 -8.06 -33.17
N SER B 33 -0.68 -9.19 -32.74
CA SER B 33 -1.36 -10.45 -33.01
C SER B 33 -2.41 -10.75 -31.96
N ASN B 34 -2.02 -10.63 -30.69
CA ASN B 34 -2.84 -11.13 -29.61
C ASN B 34 -3.92 -10.17 -29.10
N LYS B 35 -4.79 -9.75 -30.00
CA LYS B 35 -5.71 -8.70 -29.65
C LYS B 35 -6.79 -9.24 -28.68
N GLU B 36 -7.03 -10.54 -28.72
CA GLU B 36 -8.17 -11.12 -28.00
C GLU B 36 -8.13 -10.94 -26.50
N ILE B 37 -6.97 -10.58 -25.97
CA ILE B 37 -6.91 -10.48 -24.52
C ILE B 37 -7.62 -9.24 -24.00
N PHE B 38 -8.21 -8.45 -24.91
CA PHE B 38 -8.93 -7.27 -24.45
C PHE B 38 -10.09 -7.71 -23.58
N LEU B 39 -10.77 -8.77 -23.99
CA LEU B 39 -11.95 -9.22 -23.24
C LEU B 39 -11.53 -9.70 -21.86
N ARG B 40 -10.34 -10.30 -21.76
CA ARG B 40 -9.83 -10.73 -20.47
C ARG B 40 -9.65 -9.54 -19.54
N GLU B 41 -8.98 -8.53 -20.07
CA GLU B 41 -8.65 -7.34 -19.32
C GLU B 41 -9.90 -6.60 -18.85
N LEU B 42 -10.95 -6.65 -19.64
CA LEU B 42 -12.13 -5.88 -19.31
C LEU B 42 -12.90 -6.67 -18.27
N ILE B 43 -13.08 -7.96 -18.55
CA ILE B 43 -13.82 -8.82 -17.64
C ILE B 43 -13.12 -8.72 -16.31
N SER B 44 -11.80 -8.67 -16.35
CA SER B 44 -11.06 -8.58 -15.12
C SER B 44 -11.35 -7.28 -14.40
N ASN B 45 -11.02 -6.17 -15.07
CA ASN B 45 -11.09 -4.84 -14.47
C ASN B 45 -12.48 -4.74 -13.85
N SER B 46 -13.39 -5.52 -14.42
CA SER B 46 -14.77 -5.56 -13.98
C SER B 46 -15.01 -6.44 -12.75
N SER B 47 -14.30 -7.56 -12.66
CA SER B 47 -14.31 -8.36 -11.45
C SER B 47 -13.79 -7.51 -10.30
N ASP B 48 -12.57 -7.01 -10.47
CA ASP B 48 -11.93 -6.16 -9.47
C ASP B 48 -12.92 -5.13 -8.90
N ALA B 49 -13.77 -4.60 -9.77
CA ALA B 49 -14.69 -3.56 -9.35
C ALA B 49 -15.76 -4.14 -8.45
N LEU B 50 -16.21 -5.35 -8.78
CA LEU B 50 -17.23 -6.03 -8.00
C LEU B 50 -16.68 -6.36 -6.62
N ASP B 51 -15.45 -6.85 -6.58
CA ASP B 51 -14.81 -7.14 -5.31
C ASP B 51 -14.98 -5.93 -4.39
N LYS B 52 -14.73 -4.73 -4.91
CA LYS B 52 -14.69 -3.53 -4.08
C LYS B 52 -16.04 -3.23 -3.45
N ILE B 53 -17.09 -3.25 -4.26
CA ILE B 53 -18.42 -2.98 -3.71
C ILE B 53 -18.86 -4.09 -2.77
N ARG B 54 -18.27 -5.27 -2.91
CA ARG B 54 -18.59 -6.39 -2.02
C ARG B 54 -17.97 -6.15 -0.64
N PHE B 55 -16.68 -5.87 -0.62
CA PHE B 55 -16.00 -5.59 0.63
C PHE B 55 -16.64 -4.40 1.35
N GLU B 56 -16.96 -3.35 0.59
CA GLU B 56 -17.61 -2.20 1.18
C GLU B 56 -18.94 -2.58 1.80
N SER B 57 -19.47 -3.75 1.42
CA SER B 57 -20.83 -4.14 1.84
C SER B 57 -20.85 -5.10 3.03
N LEU B 58 -19.68 -5.61 3.40
CA LEU B 58 -19.57 -6.47 4.56
C LEU B 58 -20.00 -5.68 5.78
N THR B 59 -19.64 -4.41 5.78
CA THR B 59 -19.91 -3.55 6.90
C THR B 59 -20.84 -2.42 6.50
N ASP B 60 -21.96 -2.78 5.86
CA ASP B 60 -22.97 -1.80 5.41
C ASP B 60 -23.86 -2.42 4.35
N LYS B 61 -24.75 -3.31 4.75
CA LYS B 61 -25.59 -4.02 3.79
C LYS B 61 -26.27 -3.07 2.78
N SER B 62 -26.42 -1.81 3.17
CA SER B 62 -27.16 -0.84 2.36
C SER B 62 -26.36 -0.33 1.18
N LYS B 63 -25.16 -0.87 0.98
CA LYS B 63 -24.28 -0.37 -0.05
C LYS B 63 -24.79 -0.79 -1.43
N LEU B 64 -25.36 -1.99 -1.50
CA LEU B 64 -25.81 -2.54 -2.77
C LEU B 64 -27.28 -2.31 -2.97
N ASP B 65 -27.86 -1.47 -2.12
CA ASP B 65 -29.28 -1.17 -2.24
C ASP B 65 -29.63 -0.71 -3.66
N ALA B 66 -28.76 0.10 -4.24
CA ALA B 66 -29.00 0.69 -5.56
C ALA B 66 -29.27 -0.37 -6.61
N GLN B 67 -28.81 -1.60 -6.34
CA GLN B 67 -28.81 -2.70 -7.32
C GLN B 67 -28.09 -3.90 -6.70
N PRO B 68 -28.86 -4.83 -6.12
CA PRO B 68 -28.37 -5.81 -5.14
C PRO B 68 -27.62 -7.02 -5.71
N GLU B 69 -27.73 -7.29 -7.01
CA GLU B 69 -27.08 -8.44 -7.63
C GLU B 69 -25.67 -8.14 -8.17
N LEU B 70 -24.67 -8.91 -7.74
CA LEU B 70 -23.34 -8.79 -8.29
C LEU B 70 -23.13 -9.61 -9.58
N PHE B 71 -22.96 -8.95 -10.72
CA PHE B 71 -22.89 -9.65 -11.99
C PHE B 71 -22.05 -8.98 -13.10
N ILE B 72 -21.82 -9.75 -14.16
CA ILE B 72 -21.14 -9.27 -15.37
C ILE B 72 -21.91 -9.74 -16.59
N HIS B 73 -22.33 -8.81 -17.45
CA HIS B 73 -23.11 -9.16 -18.62
C HIS B 73 -22.34 -8.79 -19.86
N ILE B 74 -22.33 -9.69 -20.83
CA ILE B 74 -21.70 -9.40 -22.12
C ILE B 74 -22.76 -9.38 -23.22
N ILE B 75 -22.85 -8.28 -23.95
CA ILE B 75 -23.95 -8.07 -24.88
C ILE B 75 -23.45 -7.64 -26.24
N PRO B 76 -23.36 -8.59 -27.16
CA PRO B 76 -22.82 -8.32 -28.50
C PRO B 76 -23.94 -7.91 -29.43
N ASP B 77 -23.97 -6.67 -29.90
CA ASP B 77 -24.99 -6.28 -30.86
C ASP B 77 -24.44 -6.33 -32.28
N LYS B 78 -24.86 -7.35 -33.02
CA LYS B 78 -24.40 -7.59 -34.39
C LYS B 78 -24.66 -6.36 -35.25
N ALA B 79 -25.85 -5.77 -35.03
CA ALA B 79 -26.40 -4.62 -35.75
C ALA B 79 -25.51 -3.38 -35.75
N THR B 80 -25.30 -2.81 -34.56
CA THR B 80 -24.49 -1.62 -34.40
C THR B 80 -23.01 -1.94 -34.37
N SER B 81 -22.68 -3.23 -34.33
CA SER B 81 -21.31 -3.70 -34.34
C SER B 81 -20.59 -3.28 -33.07
N THR B 82 -21.23 -3.58 -31.95
CA THR B 82 -20.69 -3.24 -30.65
C THR B 82 -20.71 -4.42 -29.69
N LEU B 83 -19.54 -4.69 -29.09
CA LEU B 83 -19.47 -5.55 -27.94
C LEU B 83 -19.56 -4.65 -26.73
N THR B 84 -20.40 -5.02 -25.78
CA THR B 84 -20.58 -4.19 -24.59
C THR B 84 -20.62 -5.00 -23.30
N ILE B 85 -19.90 -4.52 -22.30
CA ILE B 85 -19.77 -5.22 -21.02
C ILE B 85 -20.27 -4.34 -19.90
N VAL B 86 -21.12 -4.93 -19.06
CA VAL B 86 -21.70 -4.19 -17.96
C VAL B 86 -21.62 -4.98 -16.65
N ASP B 87 -21.32 -4.25 -15.59
CA ASP B 87 -21.18 -4.86 -14.27
C ASP B 87 -21.95 -4.06 -13.23
N SER B 88 -22.19 -4.71 -12.10
CA SER B 88 -22.77 -4.06 -10.96
C SER B 88 -21.66 -3.84 -9.93
N GLY B 89 -20.47 -3.50 -10.43
CA GLY B 89 -19.33 -3.28 -9.57
C GLY B 89 -19.48 -1.98 -8.80
N ILE B 90 -18.40 -1.51 -8.19
CA ILE B 90 -18.48 -0.32 -7.34
C ILE B 90 -18.68 0.97 -8.12
N GLY B 91 -18.31 0.96 -9.40
CA GLY B 91 -18.54 2.10 -10.28
C GLY B 91 -17.51 3.19 -10.11
N MET B 92 -17.63 4.25 -10.91
CA MET B 92 -16.73 5.38 -10.78
C MET B 92 -17.45 6.72 -10.56
N THR B 93 -16.88 7.56 -9.71
CA THR B 93 -17.37 8.92 -9.55
C THR B 93 -16.81 9.68 -10.75
N LYS B 94 -17.27 10.92 -10.95
CA LYS B 94 -16.76 11.67 -12.08
C LYS B 94 -15.27 11.84 -11.87
N SER B 95 -14.91 12.20 -10.65
CA SER B 95 -13.53 12.42 -10.31
C SER B 95 -12.71 11.17 -10.66
N ASP B 96 -13.28 10.01 -10.39
CA ASP B 96 -12.60 8.75 -10.68
C ASP B 96 -12.36 8.60 -12.18
N LEU B 97 -13.37 8.94 -12.96
CA LEU B 97 -13.25 8.87 -14.42
C LEU B 97 -12.10 9.72 -14.92
N VAL B 98 -12.08 10.99 -14.53
CA VAL B 98 -11.04 11.90 -14.98
C VAL B 98 -9.67 11.41 -14.52
N ASN B 99 -9.61 10.75 -13.38
CA ASN B 99 -8.32 10.42 -12.79
C ASN B 99 -7.73 9.10 -13.30
N ASN B 100 -8.59 8.11 -13.52
CA ASN B 100 -8.12 6.78 -13.89
C ASN B 100 -8.08 6.56 -15.38
N LEU B 101 -9.11 7.04 -16.06
CA LEU B 101 -9.19 6.85 -17.48
C LEU B 101 -8.55 7.98 -18.30
N GLY B 102 -7.37 8.44 -17.90
CA GLY B 102 -6.59 9.24 -18.83
C GLY B 102 -5.79 10.44 -18.39
N THR B 103 -6.02 10.93 -17.17
CA THR B 103 -5.41 12.19 -16.75
C THR B 103 -4.14 12.01 -15.93
N ILE B 104 -4.13 10.98 -15.11
CA ILE B 104 -2.98 10.60 -14.34
C ILE B 104 -2.35 9.46 -15.12
N ALA B 105 -1.03 9.45 -15.23
CA ALA B 105 -0.38 8.36 -15.95
C ALA B 105 0.32 7.49 -14.95
N ARG B 106 -0.23 6.32 -14.63
CA ARG B 106 0.43 5.45 -13.65
C ARG B 106 1.83 5.05 -14.15
N SER B 107 2.67 4.57 -13.24
CA SER B 107 4.07 4.34 -13.56
C SER B 107 4.27 3.30 -14.65
N GLY B 108 3.44 2.26 -14.60
CA GLY B 108 3.54 1.19 -15.56
C GLY B 108 3.40 1.64 -17.00
N THR B 109 2.82 2.83 -17.19
CA THR B 109 2.54 3.28 -18.53
C THR B 109 3.84 3.40 -19.32
N LYS B 110 4.77 4.19 -18.77
CA LYS B 110 6.06 4.41 -19.42
C LYS B 110 6.80 3.08 -19.47
N GLU B 111 6.89 2.43 -18.32
CA GLU B 111 7.51 1.10 -18.19
C GLU B 111 7.08 0.14 -19.33
N PHE B 112 5.77 -0.05 -19.47
CA PHE B 112 5.18 -0.86 -20.54
C PHE B 112 5.69 -0.53 -21.91
N MET B 113 5.56 0.72 -22.32
CA MET B 113 6.03 1.11 -23.65
C MET B 113 7.50 0.76 -23.86
N GLU B 114 8.35 1.03 -22.89
CA GLU B 114 9.76 0.64 -23.00
C GLU B 114 9.83 -0.83 -23.30
N ALA B 115 9.19 -1.62 -22.43
CA ALA B 115 9.12 -3.08 -22.54
C ALA B 115 8.61 -3.52 -23.91
N LEU B 116 7.59 -2.85 -24.39
CA LEU B 116 7.03 -3.15 -25.70
C LEU B 116 8.09 -3.08 -26.79
N ALA B 117 8.82 -1.97 -26.80
CA ALA B 117 9.79 -1.75 -27.86
C ALA B 117 10.92 -2.74 -27.69
N ALA B 118 11.23 -3.05 -26.44
CA ALA B 118 12.22 -4.07 -26.13
C ALA B 118 11.73 -5.50 -26.52
N GLY B 119 10.61 -5.55 -27.24
CA GLY B 119 10.07 -6.81 -27.76
C GLY B 119 9.24 -7.63 -26.78
N ALA B 120 8.50 -6.96 -25.90
CA ALA B 120 7.55 -7.64 -25.03
C ALA B 120 6.26 -7.80 -25.81
N ASP B 121 5.33 -8.58 -25.28
CA ASP B 121 4.08 -8.81 -26.00
C ASP B 121 2.96 -7.95 -25.45
N VAL B 122 2.14 -7.44 -26.35
CA VAL B 122 1.09 -6.50 -25.94
C VAL B 122 0.16 -7.10 -24.89
N SER B 123 0.09 -8.42 -24.81
CA SER B 123 -0.76 -9.06 -23.81
C SER B 123 -0.33 -8.73 -22.37
N MET B 124 0.85 -8.17 -22.20
CA MET B 124 1.31 -7.80 -20.87
C MET B 124 0.70 -6.48 -20.44
N ILE B 125 -0.10 -5.89 -21.32
CA ILE B 125 -0.62 -4.54 -21.10
C ILE B 125 -1.32 -4.49 -19.75
N GLY B 126 -1.82 -5.66 -19.34
CA GLY B 126 -2.53 -5.77 -18.08
C GLY B 126 -1.58 -5.66 -16.90
N GLN B 127 -0.54 -6.48 -16.91
CA GLN B 127 0.41 -6.53 -15.81
C GLN B 127 1.08 -5.19 -15.52
N PHE B 128 1.01 -4.27 -16.46
CA PHE B 128 1.65 -2.97 -16.29
C PHE B 128 0.67 -1.86 -15.88
N GLY B 129 -0.56 -2.22 -15.55
CA GLY B 129 -1.50 -1.28 -14.97
C GLY B 129 -2.16 -0.31 -15.92
N VAL B 130 -2.23 -0.69 -17.20
CA VAL B 130 -2.96 0.08 -18.18
C VAL B 130 -3.88 -0.82 -19.00
N GLY B 131 -4.44 -1.83 -18.35
CA GLY B 131 -5.29 -2.81 -19.00
C GLY B 131 -6.44 -2.24 -19.80
N PHE B 132 -7.02 -1.17 -19.29
CA PHE B 132 -8.22 -0.58 -19.87
C PHE B 132 -8.08 -0.28 -21.33
N TYR B 133 -6.93 0.28 -21.69
CA TYR B 133 -6.70 0.77 -23.04
C TYR B 133 -6.54 -0.33 -24.05
N SER B 134 -6.43 -1.56 -23.57
CA SER B 134 -6.39 -2.71 -24.46
C SER B 134 -7.63 -2.73 -25.33
N ALA B 135 -8.69 -2.09 -24.86
CA ALA B 135 -9.91 -2.02 -25.64
C ALA B 135 -9.64 -1.47 -27.03
N TYR B 136 -8.70 -0.52 -27.12
CA TYR B 136 -8.51 0.13 -28.41
C TYR B 136 -7.73 -0.75 -29.36
N LEU B 137 -7.35 -1.93 -28.90
CA LEU B 137 -6.81 -2.95 -29.80
C LEU B 137 -7.85 -3.34 -30.85
N VAL B 138 -9.11 -3.39 -30.42
CA VAL B 138 -10.16 -3.91 -31.27
C VAL B 138 -11.28 -2.90 -31.48
N ALA B 139 -11.28 -1.84 -30.68
CA ALA B 139 -12.33 -0.82 -30.83
C ALA B 139 -11.77 0.49 -31.40
N GLU B 140 -12.62 1.21 -32.15
CA GLU B 140 -12.21 2.50 -32.71
C GLU B 140 -12.75 3.62 -31.87
N ARG B 141 -13.85 3.34 -31.16
CA ARG B 141 -14.44 4.28 -30.21
C ARG B 141 -14.94 3.49 -29.02
N VAL B 142 -14.63 3.97 -27.81
CA VAL B 142 -15.15 3.36 -26.58
C VAL B 142 -16.01 4.34 -25.78
N VAL B 143 -17.12 3.85 -25.24
CA VAL B 143 -17.99 4.70 -24.45
C VAL B 143 -18.36 4.08 -23.11
N VAL B 144 -17.67 4.54 -22.07
CA VAL B 144 -17.90 4.08 -20.71
C VAL B 144 -18.94 4.93 -20.00
N THR B 145 -19.92 4.27 -19.45
CA THR B 145 -20.94 4.96 -18.69
C THR B 145 -21.07 4.30 -17.33
N THR B 146 -20.98 5.11 -16.29
CA THR B 146 -20.79 4.53 -14.96
C THR B 146 -21.55 5.33 -13.92
N LYS B 147 -21.99 4.64 -12.87
CA LYS B 147 -22.70 5.26 -11.76
C LYS B 147 -22.13 4.72 -10.47
N HIS B 148 -21.60 5.63 -9.64
CA HIS B 148 -21.10 5.25 -8.32
C HIS B 148 -21.98 5.80 -7.20
N ASN B 149 -22.18 5.02 -6.15
CA ASN B 149 -23.04 5.44 -5.05
C ASN B 149 -22.89 6.94 -4.68
N ASP B 150 -21.66 7.41 -4.65
CA ASP B 150 -21.41 8.74 -4.11
C ASP B 150 -21.67 9.92 -5.07
N ASP B 151 -21.77 9.60 -6.36
CA ASP B 151 -21.97 10.59 -7.40
C ASP B 151 -23.11 10.13 -8.32
N GLU B 152 -23.37 10.89 -9.38
CA GLU B 152 -24.39 10.50 -10.33
C GLU B 152 -23.76 9.79 -11.51
N GLN B 153 -24.60 9.34 -12.44
CA GLN B 153 -24.13 8.61 -13.62
C GLN B 153 -23.47 9.56 -14.61
N TYR B 154 -22.27 9.20 -15.06
CA TYR B 154 -21.55 9.99 -16.05
C TYR B 154 -21.11 9.09 -17.20
N VAL B 155 -20.69 9.74 -18.29
CA VAL B 155 -20.23 9.04 -19.46
C VAL B 155 -18.92 9.57 -20.02
N TRP B 156 -17.95 8.67 -20.04
CA TRP B 156 -16.62 8.89 -20.57
C TRP B 156 -16.61 8.34 -21.99
N GLU B 157 -16.08 9.12 -22.92
CA GLU B 157 -16.07 8.68 -24.30
C GLU B 157 -14.79 9.18 -24.95
N SER B 158 -14.18 8.34 -25.77
CA SER B 158 -13.01 8.77 -26.51
C SER B 158 -12.76 7.93 -27.77
N GLN B 159 -12.08 8.55 -28.72
CA GLN B 159 -11.65 7.87 -29.93
C GLN B 159 -10.12 7.81 -30.03
N ALA B 160 -9.47 8.10 -28.91
CA ALA B 160 -8.02 7.99 -28.80
C ALA B 160 -7.34 9.12 -29.58
N GLY B 161 -8.16 10.09 -29.96
CA GLY B 161 -7.67 11.28 -30.67
C GLY B 161 -7.05 12.33 -29.77
N GLY B 162 -6.32 11.88 -28.74
CA GLY B 162 -5.61 12.79 -27.86
C GLY B 162 -6.38 13.42 -26.72
N SER B 163 -7.68 13.19 -26.67
CA SER B 163 -8.50 13.75 -25.59
C SER B 163 -9.70 12.85 -25.34
N PHE B 164 -10.44 13.16 -24.29
CA PHE B 164 -11.68 12.45 -23.97
C PHE B 164 -12.70 13.39 -23.32
N THR B 165 -13.94 12.93 -23.21
CA THR B 165 -14.99 13.74 -22.62
C THR B 165 -15.65 13.01 -21.44
N VAL B 166 -16.02 13.78 -20.43
CA VAL B 166 -16.87 13.28 -19.39
C VAL B 166 -18.16 14.09 -19.40
N THR B 167 -19.30 13.40 -19.34
CA THR B 167 -20.57 14.09 -19.47
C THR B 167 -21.62 13.52 -18.54
N ARG B 168 -22.46 14.36 -17.96
CA ARG B 168 -23.45 13.82 -17.03
C ARG B 168 -24.52 13.13 -17.83
N ASP B 169 -24.98 11.98 -17.34
CA ASP B 169 -25.98 11.20 -18.06
C ASP B 169 -27.41 11.59 -17.75
N THR B 170 -28.13 11.95 -18.80
CA THR B 170 -29.52 12.32 -18.70
C THR B 170 -30.32 11.41 -19.62
N SER B 171 -30.05 11.56 -20.91
CA SER B 171 -30.71 10.78 -21.95
C SER B 171 -30.34 9.28 -22.00
N GLY B 172 -29.75 8.76 -20.93
CA GLY B 172 -29.38 7.36 -20.84
C GLY B 172 -30.30 6.58 -19.91
N GLU B 173 -30.28 5.26 -20.09
CA GLU B 173 -30.98 4.34 -19.20
C GLU B 173 -30.09 4.19 -17.96
N GLN B 174 -30.66 4.39 -16.79
CA GLN B 174 -29.87 4.45 -15.56
C GLN B 174 -29.47 3.08 -14.99
N LEU B 175 -28.18 2.86 -14.76
CA LEU B 175 -27.72 1.64 -14.11
C LEU B 175 -27.85 1.89 -12.64
N GLY B 176 -28.06 0.85 -11.86
CA GLY B 176 -28.20 1.05 -10.43
C GLY B 176 -26.87 1.52 -9.91
N ARG B 177 -25.86 0.76 -10.32
CA ARG B 177 -24.52 0.92 -9.84
C ARG B 177 -23.65 0.18 -10.82
N GLY B 178 -22.45 0.69 -11.06
CA GLY B 178 -21.52 0.00 -11.92
C GLY B 178 -21.17 0.69 -13.22
N THR B 179 -20.85 -0.11 -14.23
CA THR B 179 -20.19 0.43 -15.40
C THR B 179 -20.55 -0.37 -16.65
N LYS B 180 -20.75 0.35 -17.75
CA LYS B 180 -21.18 -0.23 -19.01
C LYS B 180 -20.18 0.28 -20.03
N MET B 181 -19.23 -0.58 -20.39
CA MET B 181 -18.30 -0.23 -21.48
C MET B 181 -18.85 -0.71 -22.82
N VAL B 182 -18.91 0.21 -23.78
CA VAL B 182 -19.32 -0.17 -25.10
C VAL B 182 -18.18 -0.01 -26.09
N LEU B 183 -17.86 -1.11 -26.77
CA LEU B 183 -16.79 -1.11 -27.75
C LEU B 183 -17.34 -1.10 -29.17
N TYR B 184 -17.18 0.02 -29.87
CA TYR B 184 -17.52 0.15 -31.28
C TYR B 184 -16.39 -0.46 -32.09
N LEU B 185 -16.64 -1.65 -32.60
CA LEU B 185 -15.57 -2.51 -33.07
C LEU B 185 -15.02 -2.07 -34.41
N LYS B 186 -13.71 -2.16 -34.58
CA LYS B 186 -13.10 -1.91 -35.88
C LYS B 186 -13.55 -3.00 -36.83
N ASP B 187 -13.38 -2.75 -38.13
CA ASP B 187 -13.85 -3.64 -39.19
C ASP B 187 -13.34 -5.09 -39.09
N ASP B 188 -12.02 -5.26 -39.21
CA ASP B 188 -11.41 -6.58 -39.10
C ASP B 188 -11.80 -7.32 -37.83
N GLN B 189 -12.08 -6.58 -36.77
CA GLN B 189 -12.28 -7.20 -35.46
C GLN B 189 -13.71 -7.71 -35.22
N MET B 190 -14.41 -8.03 -36.30
CA MET B 190 -15.83 -8.34 -36.19
C MET B 190 -16.13 -9.69 -35.49
N GLU B 191 -15.06 -10.41 -35.20
CA GLU B 191 -15.22 -11.78 -34.75
C GLU B 191 -15.68 -11.85 -33.30
N TYR B 192 -15.53 -10.76 -32.55
CA TYR B 192 -15.82 -10.81 -31.12
C TYR B 192 -17.30 -10.56 -30.87
N LEU B 193 -18.09 -10.75 -31.91
CA LEU B 193 -19.52 -10.56 -31.83
C LEU B 193 -20.22 -11.90 -31.79
N GLU B 194 -19.51 -12.93 -32.24
CA GLU B 194 -20.05 -14.28 -32.34
C GLU B 194 -20.17 -14.92 -30.98
N GLU B 195 -21.27 -15.62 -30.76
CA GLU B 195 -21.51 -16.24 -29.48
C GLU B 195 -20.45 -17.32 -29.16
N ARG B 196 -20.04 -18.09 -30.16
CA ARG B 196 -19.07 -19.16 -29.94
C ARG B 196 -17.74 -18.59 -29.47
N ARG B 197 -17.27 -17.55 -30.16
CA ARG B 197 -16.00 -16.92 -29.84
C ARG B 197 -15.99 -16.38 -28.43
N ILE B 198 -17.07 -15.70 -28.07
CA ILE B 198 -17.11 -15.05 -26.78
C ILE B 198 -17.08 -16.10 -25.70
N LYS B 199 -17.85 -17.16 -25.91
CA LYS B 199 -17.93 -18.22 -24.91
C LYS B 199 -16.56 -18.86 -24.67
N ASP B 200 -15.81 -19.03 -25.76
CA ASP B 200 -14.41 -19.49 -25.73
C ASP B 200 -13.58 -18.61 -24.87
N LEU B 201 -13.49 -17.35 -25.29
CA LEU B 201 -12.62 -16.38 -24.65
C LEU B 201 -12.87 -16.32 -23.15
N VAL B 202 -14.14 -16.24 -22.76
CA VAL B 202 -14.49 -16.25 -21.36
C VAL B 202 -13.91 -17.48 -20.64
N LYS B 203 -14.27 -18.68 -21.09
CA LYS B 203 -13.72 -19.88 -20.47
C LYS B 203 -12.18 -19.80 -20.41
N ARG B 204 -11.57 -19.27 -21.48
CA ARG B 204 -10.12 -19.42 -21.65
C ARG B 204 -9.29 -18.62 -20.67
N HIS B 205 -9.84 -17.54 -20.12
CA HIS B 205 -9.04 -16.65 -19.30
C HIS B 205 -9.61 -16.40 -17.92
N SER B 206 -10.89 -16.71 -17.75
CA SER B 206 -11.65 -16.41 -16.55
C SER B 206 -11.95 -17.69 -15.79
N GLU B 207 -10.91 -18.31 -15.26
CA GLU B 207 -11.03 -19.58 -14.57
C GLU B 207 -10.58 -19.32 -13.15
N PHE B 208 -10.72 -18.07 -12.72
CA PHE B 208 -10.34 -17.62 -11.37
C PHE B 208 -11.30 -16.53 -10.88
N ILE B 209 -12.22 -16.12 -11.76
CA ILE B 209 -13.11 -15.00 -11.47
C ILE B 209 -14.49 -15.44 -11.00
N SER B 210 -14.89 -14.92 -9.86
CA SER B 210 -15.95 -15.52 -9.06
C SER B 210 -17.28 -14.80 -9.08
N TYR B 211 -17.72 -14.36 -10.25
CA TYR B 211 -19.10 -13.89 -10.37
C TYR B 211 -19.70 -14.41 -11.66
N PRO B 212 -21.02 -14.51 -11.68
CA PRO B 212 -21.81 -14.89 -12.85
C PRO B 212 -21.53 -14.03 -14.09
N ILE B 213 -20.88 -14.61 -15.09
CA ILE B 213 -20.80 -13.95 -16.38
C ILE B 213 -21.87 -14.52 -17.29
N SER B 214 -22.72 -13.64 -17.82
CA SER B 214 -23.82 -14.02 -18.69
C SER B 214 -23.66 -13.42 -20.09
N LEU B 215 -24.23 -14.09 -21.09
CA LEU B 215 -24.08 -13.67 -22.47
C LEU B 215 -25.46 -13.39 -23.08
N TRP B 216 -25.82 -12.11 -23.16
CA TRP B 216 -27.15 -11.70 -23.62
C TRP B 216 -27.25 -11.58 -25.15
N THR B 217 -26.43 -12.37 -25.85
CA THR B 217 -26.74 -12.73 -27.23
C THR B 217 -27.83 -13.79 -27.08
N GLU B 218 -28.88 -13.38 -26.37
CA GLU B 218 -29.99 -14.21 -25.88
C GLU B 218 -29.66 -14.95 -24.53
N LYS B 219 -30.12 -14.36 -23.43
CA LYS B 219 -30.22 -14.99 -22.09
C LYS B 219 -28.98 -15.36 -21.22
N THR B 220 -28.40 -16.53 -21.48
CA THR B 220 -27.79 -17.37 -20.41
C THR B 220 -26.34 -17.13 -19.95
N THR B 221 -25.92 -17.85 -18.90
CA THR B 221 -24.62 -17.68 -18.26
C THR B 221 -23.68 -18.85 -18.55
N GLU B 222 -22.35 -18.65 -18.47
CA GLU B 222 -21.39 -19.75 -18.72
C GLU B 222 -20.14 -19.75 -17.83
N LYS B 223 -19.11 -20.49 -18.27
CA LYS B 223 -18.01 -20.92 -17.40
C LYS B 223 -16.69 -20.13 -17.54
N GLU C 10 13.30 37.73 37.33
CA GLU C 10 12.11 38.25 38.01
C GLU C 10 10.85 37.52 37.62
N THR C 11 9.73 40.14 35.77
CA THR C 11 8.74 40.03 34.69
C THR C 11 8.70 41.33 33.86
N GLU C 12 8.27 41.22 32.61
CA GLU C 12 8.25 42.33 31.67
C GLU C 12 6.85 42.36 31.08
N THR C 13 6.41 43.54 30.65
CA THR C 13 5.09 43.67 30.06
C THR C 13 5.11 44.25 28.64
N PHE C 14 4.41 43.58 27.73
CA PHE C 14 4.31 44.07 26.37
C PHE C 14 2.85 44.27 26.01
N ALA C 15 2.59 45.21 25.11
CA ALA C 15 1.23 45.42 24.67
C ALA C 15 1.11 44.78 23.33
N PHE C 16 0.00 44.07 23.13
CA PHE C 16 -0.29 43.44 21.84
C PHE C 16 -0.26 44.48 20.76
N GLN C 17 0.31 44.12 19.64
CA GLN C 17 0.29 44.96 18.45
C GLN C 17 -1.17 45.26 18.06
N ALA C 18 -1.38 46.43 17.47
CA ALA C 18 -2.70 46.90 17.10
C ALA C 18 -3.58 45.80 16.53
N GLU C 19 -3.19 45.31 15.37
CA GLU C 19 -3.93 44.27 14.64
C GLU C 19 -4.37 43.15 15.57
N ILE C 20 -3.44 42.67 16.38
CA ILE C 20 -3.73 41.54 17.25
C ILE C 20 -4.72 41.87 18.33
N ASN C 21 -4.67 43.08 18.87
CA ASN C 21 -5.71 43.45 19.80
C ASN C 21 -7.09 43.32 19.18
N GLN C 22 -7.23 43.79 17.94
CA GLN C 22 -8.50 43.76 17.24
C GLN C 22 -8.94 42.33 17.07
N LEU C 23 -8.00 41.49 16.64
CA LEU C 23 -8.31 40.08 16.42
C LEU C 23 -8.77 39.45 17.73
N LEU C 24 -7.93 39.63 18.75
CA LEU C 24 -8.28 39.12 20.07
C LEU C 24 -9.68 39.57 20.51
N SER C 25 -10.09 40.77 20.12
CA SER C 25 -11.42 41.23 20.48
C SER C 25 -12.50 40.45 19.73
N LEU C 26 -12.42 40.47 18.41
CA LEU C 26 -13.27 39.63 17.60
C LEU C 26 -13.43 38.23 18.19
N ILE C 27 -12.31 37.63 18.57
CA ILE C 27 -12.31 36.26 19.05
C ILE C 27 -13.14 36.13 20.32
N ILE C 28 -12.89 37.03 21.27
CA ILE C 28 -13.39 36.82 22.61
C ILE C 28 -14.72 37.52 22.85
N ASN C 29 -15.19 38.26 21.86
CA ASN C 29 -16.40 39.07 22.01
C ASN C 29 -17.54 38.70 21.08
N THR C 30 -17.24 38.00 20.00
CA THR C 30 -18.28 37.50 19.12
C THR C 30 -18.60 36.07 19.50
N PHE C 31 -19.85 35.69 19.42
CA PHE C 31 -20.18 34.31 19.67
C PHE C 31 -20.04 33.54 18.36
N TYR C 32 -19.02 32.71 18.26
CA TYR C 32 -18.83 31.91 17.05
C TYR C 32 -19.31 30.51 17.31
N SER C 33 -19.59 29.76 16.26
CA SER C 33 -20.14 28.43 16.46
C SER C 33 -19.02 27.42 16.66
N ASN C 34 -18.05 27.45 15.77
CA ASN C 34 -17.11 26.34 15.70
C ASN C 34 -15.91 26.46 16.62
N LYS C 35 -16.17 26.66 17.91
CA LYS C 35 -15.08 26.95 18.82
C LYS C 35 -14.13 25.73 19.03
N GLU C 36 -14.62 24.52 18.76
CA GLU C 36 -13.89 23.30 19.08
C GLU C 36 -12.58 23.14 18.34
N ILE C 37 -12.39 23.89 17.28
CA ILE C 37 -11.16 23.72 16.52
C ILE C 37 -9.94 24.31 17.25
N PHE C 38 -10.16 24.89 18.43
CA PHE C 38 -9.03 25.41 19.18
C PHE C 38 -8.07 24.25 19.49
N LEU C 39 -8.61 23.10 19.89
CA LEU C 39 -7.77 21.95 20.26
C LEU C 39 -7.00 21.47 19.04
N ARG C 40 -7.61 21.58 17.87
CA ARG C 40 -6.91 21.22 16.66
C ARG C 40 -5.68 22.09 16.47
N GLU C 41 -5.92 23.40 16.56
CA GLU C 41 -4.88 24.38 16.30
C GLU C 41 -3.75 24.29 17.30
N LEU C 42 -4.06 23.89 18.53
CA LEU C 42 -3.05 23.81 19.58
C LEU C 42 -2.25 22.55 19.37
N ILE C 43 -2.96 21.44 19.19
CA ILE C 43 -2.32 20.15 19.00
C ILE C 43 -1.42 20.26 17.80
N SER C 44 -1.88 20.99 16.79
CA SER C 44 -1.06 21.21 15.62
C SER C 44 0.19 22.04 15.93
N ASN C 45 -0.03 23.27 16.40
CA ASN C 45 1.07 24.20 16.61
C ASN C 45 2.13 23.45 17.43
N SER C 46 1.65 22.44 18.15
CA SER C 46 2.47 21.60 19.00
C SER C 46 3.20 20.48 18.25
N SER C 47 2.54 19.89 17.28
CA SER C 47 3.22 18.98 16.38
C SER C 47 4.34 19.74 15.67
N ASP C 48 3.98 20.80 14.97
CA ASP C 48 4.95 21.63 14.27
C ASP C 48 6.22 21.87 15.11
N ALA C 49 6.03 22.03 16.41
CA ALA C 49 7.16 22.33 17.28
C ALA C 49 8.04 21.12 17.47
N LEU C 50 7.41 19.96 17.55
CA LEU C 50 8.13 18.69 17.70
C LEU C 50 8.92 18.39 16.45
N ASP C 51 8.31 18.56 15.29
CA ASP C 51 9.04 18.42 14.04
C ASP C 51 10.38 19.17 14.13
N LYS C 52 10.35 20.42 14.57
CA LYS C 52 11.54 21.25 14.56
C LYS C 52 12.68 20.68 15.40
N ILE C 53 12.39 20.33 16.65
CA ILE C 53 13.42 19.76 17.51
C ILE C 53 13.89 18.41 16.99
N ARG C 54 13.07 17.74 16.20
CA ARG C 54 13.46 16.45 15.60
C ARG C 54 14.47 16.70 14.48
N PHE C 55 14.13 17.56 13.55
CA PHE C 55 15.04 17.91 12.47
C PHE C 55 16.38 18.42 13.03
N GLU C 56 16.32 19.29 14.03
CA GLU C 56 17.53 19.79 14.67
C GLU C 56 18.37 18.64 15.23
N SER C 57 17.74 17.48 15.42
CA SER C 57 18.39 16.37 16.13
C SER C 57 18.96 15.32 15.20
N LEU C 58 18.64 15.41 13.92
CA LEU C 58 19.21 14.51 12.94
C LEU C 58 20.70 14.69 12.92
N THR C 59 21.12 15.94 13.10
CA THR C 59 22.51 16.28 13.04
C THR C 59 23.02 16.82 14.38
N ASP C 60 22.74 16.09 15.45
CA ASP C 60 23.13 16.49 16.80
C ASP C 60 22.30 15.72 17.84
N LYS C 61 22.57 14.43 18.00
CA LYS C 61 21.76 13.63 18.91
C LYS C 61 21.58 14.28 20.30
N SER C 62 22.49 15.17 20.66
CA SER C 62 22.48 15.79 21.98
C SER C 62 21.44 16.90 22.14
N LYS C 63 20.60 17.09 21.13
CA LYS C 63 19.63 18.18 21.17
C LYS C 63 18.48 17.86 22.12
N LEU C 64 18.09 16.59 22.15
CA LEU C 64 16.96 16.16 22.97
C LEU C 64 17.42 15.64 24.31
N ASP C 65 18.69 15.87 24.63
CA ASP C 65 19.23 15.42 25.90
C ASP C 65 18.39 15.93 27.05
N ALA C 66 17.96 17.19 26.96
CA ALA C 66 17.20 17.81 28.02
C ALA C 66 15.96 17.02 28.40
N GLN C 67 15.48 16.20 27.46
CA GLN C 67 14.21 15.45 27.58
C GLN C 67 13.94 14.66 26.30
N PRO C 68 14.29 13.37 26.28
CA PRO C 68 14.53 12.61 25.05
C PRO C 68 13.28 12.10 24.34
N GLU C 69 12.12 12.11 25.00
CA GLU C 69 10.89 11.60 24.39
C GLU C 69 10.07 12.69 23.70
N LEU C 70 9.72 12.45 22.43
CA LEU C 70 8.85 13.36 21.67
C LEU C 70 7.37 13.05 21.87
N PHE C 71 6.65 13.92 22.58
CA PHE C 71 5.26 13.64 22.95
C PHE C 71 4.33 14.86 23.07
N ILE C 72 3.03 14.56 23.15
CA ILE C 72 1.98 15.54 23.41
C ILE C 72 1.03 15.00 24.48
N HIS C 73 0.87 15.73 25.56
CA HIS C 73 0.01 15.32 26.67
C HIS C 73 -1.14 16.28 26.83
N ILE C 74 -2.34 15.74 27.02
CA ILE C 74 -3.51 16.57 27.27
C ILE C 74 -4.03 16.28 28.67
N ILE C 75 -4.15 17.32 29.48
CA ILE C 75 -4.44 17.13 30.89
C ILE C 75 -5.55 18.03 31.38
N PRO C 76 -6.76 17.48 31.43
CA PRO C 76 -7.95 18.25 31.79
C PRO C 76 -8.17 18.20 33.30
N ASP C 77 -8.03 19.34 33.99
CA ASP C 77 -8.29 19.34 35.43
C ASP C 77 -9.67 19.88 35.72
N LYS C 78 -10.58 18.96 36.05
CA LYS C 78 -11.98 19.29 36.32
C LYS C 78 -12.07 20.36 37.41
N ALA C 79 -11.21 20.20 38.42
CA ALA C 79 -11.14 21.03 39.61
C ALA C 79 -10.93 22.52 39.38
N THR C 80 -9.78 22.86 38.77
CA THR C 80 -9.42 24.24 38.49
C THR C 80 -10.05 24.72 37.19
N SER C 81 -10.69 23.79 36.47
CA SER C 81 -11.39 24.08 35.22
C SER C 81 -10.41 24.53 34.16
N THR C 82 -9.36 23.72 33.97
CA THR C 82 -8.33 24.02 33.00
C THR C 82 -8.05 22.82 32.11
N LEU C 83 -8.07 23.07 30.81
CA LEU C 83 -7.50 22.15 29.84
C LEU C 83 -6.07 22.59 29.62
N THR C 84 -5.13 21.66 29.68
CA THR C 84 -3.74 22.02 29.50
C THR C 84 -3.00 21.05 28.57
N ILE C 85 -2.23 21.63 27.66
CA ILE C 85 -1.48 20.86 26.67
C ILE C 85 0.01 21.08 26.79
N VAL C 86 0.76 19.98 26.81
CA VAL C 86 2.19 20.06 26.96
C VAL C 86 2.92 19.16 25.96
N ASP C 87 4.02 19.68 25.42
CA ASP C 87 4.79 18.97 24.43
C ASP C 87 6.25 19.02 24.78
N SER C 88 7.01 18.13 24.17
CA SER C 88 8.45 18.13 24.27
C SER C 88 9.02 18.68 22.97
N GLY C 89 8.36 19.68 22.41
CA GLY C 89 8.74 20.27 21.14
C GLY C 89 9.96 21.13 21.30
N ILE C 90 10.31 21.92 20.30
CA ILE C 90 11.55 22.69 20.34
C ILE C 90 11.52 23.84 21.35
N GLY C 91 10.31 24.28 21.71
CA GLY C 91 10.12 25.28 22.74
C GLY C 91 10.39 26.69 22.25
N MET C 92 10.21 27.68 23.13
CA MET C 92 10.48 29.07 22.75
C MET C 92 11.48 29.77 23.66
N THR C 93 12.37 30.57 23.06
CA THR C 93 13.25 31.44 23.83
C THR C 93 12.39 32.60 24.31
N LYS C 94 12.91 33.46 25.19
CA LYS C 94 12.10 34.58 25.64
C LYS C 94 11.81 35.43 24.43
N SER C 95 12.85 35.64 23.62
CA SER C 95 12.73 36.47 22.43
C SER C 95 11.61 35.95 21.56
N ASP C 96 11.54 34.62 21.46
CA ASP C 96 10.54 33.95 20.64
C ASP C 96 9.14 34.26 21.17
N LEU C 97 8.99 34.20 22.49
CA LEU C 97 7.71 34.52 23.13
C LEU C 97 7.25 35.92 22.80
N VAL C 98 8.11 36.90 22.99
CA VAL C 98 7.75 38.27 22.72
C VAL C 98 7.45 38.49 21.23
N ASN C 99 8.09 37.72 20.36
CA ASN C 99 7.99 37.97 18.93
C ASN C 99 6.78 37.30 18.29
N ASN C 100 6.50 36.07 18.71
CA ASN C 100 5.46 35.28 18.09
C ASN C 100 4.11 35.42 18.75
N LEU C 101 4.12 35.43 20.08
CA LEU C 101 2.89 35.55 20.84
C LEU C 101 2.48 37.00 21.17
N GLY C 102 2.59 37.90 20.20
CA GLY C 102 1.88 39.17 20.33
C GLY C 102 2.47 40.47 19.85
N THR C 103 3.75 40.50 19.57
CA THR C 103 4.40 41.77 19.33
C THR C 103 4.53 42.10 17.88
N ILE C 104 4.78 41.06 17.08
CA ILE C 104 4.86 41.16 15.63
C ILE C 104 3.53 40.67 15.12
N ALA C 105 2.96 41.38 14.16
CA ALA C 105 1.66 40.97 13.64
C ALA C 105 1.86 40.42 12.26
N ARG C 106 1.85 39.09 12.12
CA ARG C 106 2.05 38.49 10.80
C ARG C 106 0.98 38.99 9.82
N SER C 107 1.22 38.81 8.53
CA SER C 107 0.37 39.41 7.50
C SER C 107 -1.05 38.86 7.53
N GLY C 108 -1.16 37.57 7.82
CA GLY C 108 -2.45 36.92 7.86
C GLY C 108 -3.41 37.55 8.87
N THR C 109 -2.87 38.25 9.86
CA THR C 109 -3.70 38.80 10.92
C THR C 109 -4.75 39.72 10.32
N LYS C 110 -4.29 40.73 9.59
CA LYS C 110 -5.20 41.71 9.00
C LYS C 110 -6.05 40.99 7.98
N GLU C 111 -5.39 40.24 7.09
CA GLU C 111 -6.08 39.47 6.07
C GLU C 111 -7.27 38.67 6.65
N PHE C 112 -7.01 37.87 7.68
CA PHE C 112 -8.03 37.11 8.40
C PHE C 112 -9.21 37.92 8.82
N MET C 113 -8.98 39.00 9.55
CA MET C 113 -10.08 39.83 10.01
C MET C 113 -10.95 40.33 8.85
N GLU C 114 -10.30 40.76 7.77
CA GLU C 114 -11.05 41.22 6.60
C GLU C 114 -11.97 40.09 6.15
N ALA C 115 -11.36 38.93 5.94
CA ALA C 115 -12.07 37.72 5.52
C ALA C 115 -13.20 37.39 6.47
N LEU C 116 -12.95 37.53 7.76
CA LEU C 116 -13.93 37.25 8.77
C LEU C 116 -15.19 38.05 8.53
N ALA C 117 -15.01 39.35 8.38
CA ALA C 117 -16.17 40.24 8.25
C ALA C 117 -16.84 39.96 6.92
N ALA C 118 -16.04 39.59 5.91
CA ALA C 118 -16.58 39.19 4.62
C ALA C 118 -17.31 37.85 4.70
N GLY C 119 -17.54 37.38 5.93
CA GLY C 119 -18.31 36.17 6.18
C GLY C 119 -17.57 34.86 6.06
N ALA C 120 -16.29 34.86 6.42
CA ALA C 120 -15.51 33.62 6.47
C ALA C 120 -15.78 32.99 7.81
N ASP C 121 -15.35 31.73 7.98
CA ASP C 121 -15.58 31.06 9.24
C ASP C 121 -14.36 31.08 10.14
N VAL C 122 -14.58 31.28 11.44
CA VAL C 122 -13.48 31.45 12.38
C VAL C 122 -12.55 30.24 12.40
N SER C 123 -13.02 29.10 11.92
CA SER C 123 -12.16 27.92 11.82
C SER C 123 -10.95 28.11 10.87
N MET C 124 -10.99 29.15 10.05
CA MET C 124 -9.89 29.43 9.14
C MET C 124 -8.76 30.12 9.88
N ILE C 125 -8.96 30.39 11.16
CA ILE C 125 -8.02 31.19 11.92
C ILE C 125 -6.63 30.57 11.81
N GLY C 126 -6.61 29.26 11.56
CA GLY C 126 -5.37 28.54 11.43
C GLY C 126 -4.66 28.86 10.14
N GLN C 127 -5.41 28.79 9.04
CA GLN C 127 -4.85 28.96 7.71
C GLN C 127 -4.28 30.36 7.52
N PHE C 128 -4.65 31.27 8.41
CA PHE C 128 -4.18 32.63 8.27
C PHE C 128 -3.00 32.97 9.19
N GLY C 129 -2.46 31.97 9.88
CA GLY C 129 -1.23 32.17 10.62
C GLY C 129 -1.38 32.83 11.97
N VAL C 130 -2.57 32.74 12.54
CA VAL C 130 -2.79 33.23 13.88
C VAL C 130 -3.54 32.18 14.72
N GLY C 131 -3.26 30.91 14.45
CA GLY C 131 -3.89 29.80 15.13
C GLY C 131 -3.88 29.84 16.66
N PHE C 132 -2.80 30.34 17.23
CA PHE C 132 -2.61 30.31 18.67
C PHE C 132 -3.74 30.95 19.41
N TYR C 133 -4.22 32.06 18.89
CA TYR C 133 -5.18 32.88 19.62
C TYR C 133 -6.56 32.25 19.61
N SER C 134 -6.73 31.20 18.81
CA SER C 134 -7.99 30.48 18.81
C SER C 134 -8.29 30.01 20.21
N ALA C 135 -7.26 29.96 21.05
CA ALA C 135 -7.44 29.53 22.44
C ALA C 135 -8.42 30.42 23.16
N TYR C 136 -8.42 31.69 22.82
CA TYR C 136 -9.32 32.58 23.54
C TYR C 136 -10.78 32.44 23.09
N LEU C 137 -11.03 31.56 22.14
CA LEU C 137 -12.39 31.20 21.81
C LEU C 137 -13.05 30.55 23.02
N VAL C 138 -12.27 29.77 23.77
CA VAL C 138 -12.82 28.98 24.85
C VAL C 138 -12.19 29.29 26.19
N ALA C 139 -11.08 29.99 26.17
CA ALA C 139 -10.40 30.34 27.42
C ALA C 139 -10.49 31.83 27.73
N GLU C 140 -10.49 32.17 29.02
CA GLU C 140 -10.58 33.58 29.44
C GLU C 140 -9.22 34.08 29.82
N ARG C 141 -8.37 33.12 30.22
CA ARG C 141 -6.96 33.36 30.53
C ARG C 141 -6.11 32.18 30.04
N VAL C 142 -5.02 32.50 29.35
CA VAL C 142 -4.09 31.49 28.89
C VAL C 142 -2.71 31.71 29.51
N VAL C 143 -2.08 30.62 29.96
CA VAL C 143 -0.75 30.71 30.54
C VAL C 143 0.25 29.72 29.92
N VAL C 144 1.06 30.25 29.00
CA VAL C 144 2.07 29.46 28.31
C VAL C 144 3.39 29.51 29.05
N THR C 145 3.95 28.33 29.28
CA THR C 145 5.21 28.21 29.96
C THR C 145 6.10 27.31 29.10
N THR C 146 7.28 27.81 28.78
CA THR C 146 8.06 27.15 27.76
C THR C 146 9.52 27.18 28.12
N LYS C 147 10.25 26.15 27.69
CA LYS C 147 11.70 26.07 27.87
C LYS C 147 12.34 25.66 26.57
N HIS C 148 13.23 26.52 26.04
CA HIS C 148 14.01 26.20 24.85
C HIS C 148 15.50 25.99 25.16
N ASN C 149 16.12 25.00 24.52
CA ASN C 149 17.53 24.69 24.78
C ASN C 149 18.41 25.93 25.00
N ASP C 150 18.20 26.96 24.19
CA ASP C 150 19.11 28.09 24.16
C ASP C 150 18.89 29.14 25.24
N ASP C 151 17.74 29.07 25.91
CA ASP C 151 17.38 30.02 26.96
C ASP C 151 16.83 29.24 28.15
N GLU C 152 16.39 29.97 29.18
CA GLU C 152 15.75 29.34 30.33
C GLU C 152 14.23 29.31 30.18
N GLN C 153 13.56 28.67 31.12
CA GLN C 153 12.11 28.57 31.10
C GLN C 153 11.48 29.92 31.44
N TYR C 154 10.50 30.30 30.63
CA TYR C 154 9.77 31.54 30.88
C TYR C 154 8.27 31.27 30.84
N VAL C 155 7.51 32.26 31.29
CA VAL C 155 6.07 32.16 31.26
C VAL C 155 5.38 33.39 30.71
N TRP C 156 4.61 33.13 29.65
CA TRP C 156 3.80 34.11 28.94
C TRP C 156 2.39 33.93 29.49
N GLU C 157 1.76 35.04 29.85
CA GLU C 157 0.41 34.99 30.37
C GLU C 157 -0.37 36.18 29.85
N SER C 158 -1.62 35.95 29.48
CA SER C 158 -2.49 37.03 29.05
C SER C 158 -3.98 36.76 29.20
N GLN C 159 -4.74 37.82 29.38
CA GLN C 159 -6.19 37.73 29.46
C GLN C 159 -6.84 38.47 28.30
N ALA C 160 -6.02 38.83 27.31
CA ALA C 160 -6.49 39.46 26.09
C ALA C 160 -6.88 40.91 26.36
N GLY C 161 -6.49 41.39 27.54
CA GLY C 161 -6.74 42.77 27.93
C GLY C 161 -5.76 43.78 27.32
N GLY C 162 -5.37 43.55 26.07
CA GLY C 162 -4.52 44.48 25.36
C GLY C 162 -3.01 44.37 25.60
N SER C 163 -2.63 43.51 26.53
CA SER C 163 -1.21 43.32 26.86
C SER C 163 -0.95 41.89 27.35
N PHE C 164 0.33 41.55 27.50
CA PHE C 164 0.72 40.24 28.03
C PHE C 164 2.05 40.36 28.80
N THR C 165 2.37 39.34 29.60
CA THR C 165 3.57 39.38 30.40
C THR C 165 4.47 38.21 30.09
N VAL C 166 5.78 38.46 30.14
CA VAL C 166 6.74 37.38 30.06
C VAL C 166 7.54 37.40 31.34
N THR C 167 7.68 36.24 31.97
CA THR C 167 8.34 36.19 33.27
C THR C 167 9.25 34.99 33.34
N ARG C 168 10.43 35.14 33.94
CA ARG C 168 11.28 33.96 34.10
C ARG C 168 10.71 32.99 35.15
N ASP C 169 10.78 31.70 34.85
CA ASP C 169 10.20 30.71 35.74
C ASP C 169 11.15 30.22 36.84
N THR C 170 10.68 30.37 38.07
CA THR C 170 11.40 29.95 39.27
C THR C 170 10.51 28.96 40.05
N SER C 171 9.36 29.48 40.48
CA SER C 171 8.31 28.76 41.22
C SER C 171 7.45 27.86 40.33
N GLY C 172 8.08 27.31 39.31
CA GLY C 172 7.41 26.35 38.45
C GLY C 172 8.18 25.05 38.41
N GLU C 173 7.47 23.99 38.05
CA GLU C 173 8.05 22.68 37.83
C GLU C 173 8.70 22.77 36.46
N GLN C 174 9.97 22.40 36.38
CA GLN C 174 10.74 22.62 35.16
C GLN C 174 10.50 21.54 34.10
N LEU C 175 10.15 21.97 32.89
CA LEU C 175 10.03 21.04 31.77
C LEU C 175 11.42 20.86 31.22
N GLY C 176 11.68 19.71 30.61
CA GLY C 176 13.01 19.52 30.05
C GLY C 176 13.18 20.46 28.89
N ARG C 177 12.16 20.44 28.04
CA ARG C 177 12.14 21.18 26.81
C ARG C 177 10.70 21.20 26.35
N GLY C 178 10.28 22.30 25.72
CA GLY C 178 8.95 22.40 25.16
C GLY C 178 8.03 23.42 25.82
N THR C 179 6.75 23.12 25.80
CA THR C 179 5.76 24.14 26.10
C THR C 179 4.51 23.55 26.76
N LYS C 180 3.98 24.28 27.74
CA LYS C 180 2.83 23.84 28.51
C LYS C 180 1.82 24.97 28.43
N MET C 181 0.82 24.83 27.57
CA MET C 181 -0.26 25.82 27.50
C MET C 181 -1.40 25.44 28.44
N VAL C 182 -1.77 26.37 29.30
CA VAL C 182 -2.89 26.12 30.18
C VAL C 182 -4.04 27.06 29.85
N LEU C 183 -5.19 26.44 29.54
CA LEU C 183 -6.38 27.20 29.22
C LEU C 183 -7.38 27.24 30.39
N TYR C 184 -7.50 28.41 31.00
CA TYR C 184 -8.51 28.62 32.05
C TYR C 184 -9.84 28.85 31.35
N LEU C 185 -10.68 27.82 31.37
CA LEU C 185 -11.84 27.77 30.50
C LEU C 185 -12.95 28.69 30.93
N LYS C 186 -13.60 29.33 29.96
CA LYS C 186 -14.79 30.13 30.23
C LYS C 186 -15.91 29.20 30.67
N ASP C 187 -16.95 29.78 31.27
CA ASP C 187 -18.06 29.03 31.87
C ASP C 187 -18.78 28.06 30.93
N ASP C 188 -19.39 28.60 29.87
CA ASP C 188 -20.06 27.77 28.85
C ASP C 188 -19.19 26.70 28.24
N GLN C 189 -17.89 26.94 28.21
CA GLN C 189 -16.99 26.06 27.50
C GLN C 189 -16.51 24.87 28.35
N MET C 190 -17.31 24.45 29.32
CA MET C 190 -16.86 23.44 30.27
C MET C 190 -16.72 22.02 29.66
N GLU C 191 -17.14 21.89 28.40
CA GLU C 191 -17.28 20.59 27.80
C GLU C 191 -15.97 19.98 27.38
N TYR C 192 -14.93 20.81 27.29
CA TYR C 192 -13.66 20.31 26.78
C TYR C 192 -12.83 19.72 27.90
N LEU C 193 -13.51 19.40 28.99
CA LEU C 193 -12.88 18.77 30.14
C LEU C 193 -13.17 17.28 30.21
N GLU C 194 -14.22 16.88 29.50
CA GLU C 194 -14.69 15.48 29.49
C GLU C 194 -13.82 14.61 28.66
N GLU C 195 -13.53 13.44 29.18
CA GLU C 195 -12.64 12.53 28.50
C GLU C 195 -13.19 12.12 27.12
N ARG C 196 -14.50 11.89 27.05
CA ARG C 196 -15.09 11.45 25.79
C ARG C 196 -14.91 12.51 24.71
N ARG C 197 -15.18 13.76 25.08
CA ARG C 197 -15.13 14.86 24.14
C ARG C 197 -13.74 15.00 23.60
N ILE C 198 -12.76 14.95 24.50
CA ILE C 198 -11.41 15.22 24.06
C ILE C 198 -10.97 14.14 23.10
N LYS C 199 -11.33 12.90 23.44
CA LYS C 199 -10.91 11.75 22.65
C LYS C 199 -11.48 11.87 21.23
N ASP C 200 -12.73 12.31 21.14
CA ASP C 200 -13.38 12.63 19.87
C ASP C 200 -12.57 13.61 19.08
N LEU C 201 -12.37 14.79 19.68
CA LEU C 201 -11.78 15.93 18.99
C LEU C 201 -10.43 15.55 18.42
N VAL C 202 -9.63 14.90 19.25
CA VAL C 202 -8.34 14.39 18.81
C VAL C 202 -8.46 13.53 17.54
N LYS C 203 -9.17 12.41 17.64
CA LYS C 203 -9.40 11.56 16.47
C LYS C 203 -9.86 12.43 15.27
N ARG C 204 -10.72 13.41 15.52
CA ARG C 204 -11.47 14.04 14.43
C ARG C 204 -10.60 14.91 13.56
N HIS C 205 -9.50 15.41 14.11
CA HIS C 205 -8.71 16.41 13.39
C HIS C 205 -7.24 16.03 13.19
N SER C 206 -6.79 15.09 14.01
CA SER C 206 -5.39 14.69 14.07
C SER C 206 -5.22 13.31 13.47
N GLU C 207 -5.41 13.23 12.15
CA GLU C 207 -5.33 11.97 11.43
C GLU C 207 -4.19 12.12 10.44
N PHE C 208 -3.25 13.01 10.77
CA PHE C 208 -2.08 13.29 9.96
C PHE C 208 -0.87 13.59 10.84
N ILE C 209 -1.10 13.67 12.15
CA ILE C 209 -0.06 14.08 13.10
C ILE C 209 0.61 12.89 13.78
N SER C 210 1.94 12.88 13.69
CA SER C 210 2.71 11.67 13.90
C SER C 210 3.49 11.58 15.22
N TYR C 211 2.87 11.97 16.33
CA TYR C 211 3.47 11.68 17.63
C TYR C 211 2.39 11.23 18.59
N PRO C 212 2.78 10.47 19.60
CA PRO C 212 1.91 9.99 20.67
C PRO C 212 1.16 11.12 21.38
N ILE C 213 -0.16 11.17 21.20
CA ILE C 213 -0.99 12.05 22.01
C ILE C 213 -1.65 11.25 23.14
N SER C 214 -1.41 11.66 24.37
CA SER C 214 -1.88 10.94 25.54
C SER C 214 -2.84 11.81 26.34
N LEU C 215 -3.76 11.17 27.05
CA LEU C 215 -4.79 11.88 27.81
C LEU C 215 -4.69 11.55 29.31
N TRP C 216 -4.05 12.46 30.08
CA TRP C 216 -3.80 12.22 31.50
C TRP C 216 -4.97 12.59 32.41
N THR C 217 -6.19 12.47 31.87
CA THR C 217 -7.39 12.29 32.68
C THR C 217 -7.34 10.82 33.10
N GLU C 218 -6.20 10.47 33.71
CA GLU C 218 -5.76 9.10 34.01
C GLU C 218 -5.09 8.36 32.80
N LYS C 219 -3.78 8.11 32.92
CA LYS C 219 -2.83 7.94 31.80
C LYS C 219 -2.96 6.86 30.73
N THR C 220 -3.58 7.19 29.59
CA THR C 220 -3.31 6.46 28.34
C THR C 220 -3.35 7.30 27.04
N THR C 221 -2.93 6.70 25.93
CA THR C 221 -2.79 7.41 24.67
C THR C 221 -3.86 6.96 23.67
N GLU C 222 -4.17 7.77 22.65
CA GLU C 222 -5.18 7.40 21.65
C GLU C 222 -4.89 7.83 20.21
N LYS C 223 -5.93 7.84 19.37
CA LYS C 223 -5.81 7.88 17.90
C LYS C 223 -6.08 9.24 17.21
N LYS D 1 -5.52 -25.68 -22.93
CA LYS D 1 -4.37 -24.79 -22.87
C LYS D 1 -3.07 -25.60 -22.92
N TYR D 2 -2.41 -25.73 -21.76
CA TYR D 2 -1.08 -26.31 -21.53
C TYR D 2 -0.96 -26.26 -20.02
N ARG D 3 -0.48 -27.33 -19.39
CA ARG D 3 -0.43 -27.37 -17.93
C ARG D 3 0.80 -26.65 -17.34
N HIS D 4 0.64 -26.02 -16.17
CA HIS D 4 1.84 -25.51 -15.50
C HIS D 4 1.92 -25.89 -14.02
N GLU D 5 3.15 -26.03 -13.53
CA GLU D 5 3.42 -26.36 -12.15
C GLU D 5 4.57 -25.48 -11.66
N TYR D 6 4.85 -25.55 -10.37
CA TYR D 6 6.05 -24.90 -9.84
C TYR D 6 6.59 -25.58 -8.61
N TYR D 7 7.90 -25.50 -8.43
CA TYR D 7 8.52 -25.94 -7.19
C TYR D 7 9.44 -24.85 -6.76
N GLN D 8 9.92 -24.91 -5.51
CA GLN D 8 10.78 -23.84 -5.06
C GLN D 8 11.94 -24.29 -4.21
N LYS D 9 13.09 -23.65 -4.43
CA LYS D 9 14.22 -23.71 -3.54
C LYS D 9 14.22 -22.43 -2.69
N PRO D 10 15.11 -22.34 -1.70
CA PRO D 10 15.06 -21.14 -0.86
C PRO D 10 15.40 -19.88 -1.65
N GLU D 11 16.08 -20.00 -2.79
CA GLU D 11 16.51 -18.82 -3.52
C GLU D 11 15.81 -18.60 -4.87
N GLU D 12 15.33 -19.68 -5.48
CA GLU D 12 14.60 -19.54 -6.75
C GLU D 12 13.23 -20.22 -6.68
N VAL D 13 12.38 -19.87 -7.63
CA VAL D 13 11.10 -20.51 -7.84
C VAL D 13 11.17 -21.01 -9.26
N VAL D 14 10.70 -22.22 -9.53
CA VAL D 14 10.87 -22.80 -10.87
C VAL D 14 9.56 -23.22 -11.51
N VAL D 15 9.08 -22.38 -12.42
CA VAL D 15 7.81 -22.63 -13.08
C VAL D 15 8.03 -23.49 -14.30
N THR D 16 7.31 -24.61 -14.37
CA THR D 16 7.35 -25.47 -15.56
C THR D 16 6.06 -25.29 -16.39
N VAL D 17 6.22 -25.07 -17.70
CA VAL D 17 5.08 -25.15 -18.60
C VAL D 17 5.24 -26.40 -19.47
N PHE D 18 4.30 -27.33 -19.35
CA PHE D 18 4.42 -28.61 -20.07
C PHE D 18 3.89 -28.44 -21.48
N ALA D 19 4.82 -28.26 -22.41
CA ALA D 19 4.50 -27.92 -23.78
C ALA D 19 5.46 -28.66 -24.71
N LYS D 20 4.94 -29.70 -25.38
CA LYS D 20 5.81 -30.56 -26.17
C LYS D 20 6.25 -29.92 -27.48
N GLY D 21 7.56 -29.84 -27.66
CA GLY D 21 8.14 -29.48 -28.94
C GLY D 21 7.89 -28.05 -29.38
N ILE D 22 7.76 -27.17 -28.40
CA ILE D 22 7.62 -25.78 -28.73
C ILE D 22 8.93 -25.29 -29.30
N PRO D 23 8.86 -24.62 -30.46
CA PRO D 23 10.01 -24.00 -31.11
C PRO D 23 10.55 -22.91 -30.22
N LYS D 24 11.86 -22.90 -30.02
CA LYS D 24 12.51 -21.86 -29.25
C LYS D 24 11.93 -20.47 -29.60
N GLN D 25 11.63 -20.28 -30.88
CA GLN D 25 11.15 -19.03 -31.44
C GLN D 25 9.76 -18.61 -31.00
N ASN D 26 8.90 -19.57 -30.65
CA ASN D 26 7.51 -19.27 -30.35
C ASN D 26 7.30 -18.85 -28.91
N VAL D 27 8.27 -19.16 -28.06
CA VAL D 27 8.17 -18.75 -26.67
C VAL D 27 8.67 -17.31 -26.46
N ASN D 28 7.78 -16.46 -25.98
CA ASN D 28 8.18 -15.11 -25.59
C ASN D 28 7.97 -14.86 -24.09
N ILE D 29 9.08 -14.76 -23.37
CA ILE D 29 8.98 -14.65 -21.91
C ILE D 29 9.65 -13.39 -21.41
N ASP D 30 8.91 -12.58 -20.64
CA ASP D 30 9.48 -11.36 -20.04
C ASP D 30 9.33 -11.39 -18.53
N PHE D 31 10.19 -10.66 -17.82
CA PHE D 31 10.12 -10.62 -16.37
C PHE D 31 9.94 -9.21 -15.81
N GLY D 32 9.26 -9.12 -14.68
CA GLY D 32 9.10 -7.87 -13.96
C GLY D 32 9.40 -8.03 -12.48
N GLU D 33 9.46 -6.93 -11.73
CA GLU D 33 9.80 -7.02 -10.32
C GLU D 33 8.85 -7.97 -9.61
N GLN D 34 7.59 -7.98 -10.04
CA GLN D 34 6.60 -8.87 -9.45
C GLN D 34 5.63 -9.47 -10.46
N ILE D 35 6.01 -9.50 -11.73
CA ILE D 35 5.22 -10.23 -12.70
C ILE D 35 6.05 -11.22 -13.48
N LEU D 36 5.36 -12.21 -14.06
CA LEU D 36 5.99 -13.09 -15.04
C LEU D 36 5.03 -13.13 -16.20
N SER D 37 5.57 -13.21 -17.40
CA SER D 37 4.74 -13.33 -18.60
C SER D 37 5.32 -14.36 -19.54
N VAL D 38 4.56 -15.44 -19.71
CA VAL D 38 4.93 -16.48 -20.65
C VAL D 38 3.89 -16.47 -21.73
N VAL D 39 4.32 -16.32 -22.97
CA VAL D 39 3.41 -16.35 -24.11
C VAL D 39 3.96 -17.23 -25.22
N ILE D 40 3.62 -18.52 -25.20
CA ILE D 40 4.07 -19.41 -26.25
C ILE D 40 3.04 -19.29 -27.35
N GLU D 41 3.53 -19.24 -28.60
CA GLU D 41 2.64 -19.00 -29.72
C GLU D 41 2.15 -20.29 -30.33
N VAL D 42 0.84 -20.45 -30.34
CA VAL D 42 0.23 -21.63 -30.93
C VAL D 42 -0.22 -21.29 -32.34
N PRO D 43 0.19 -22.12 -33.31
CA PRO D 43 0.04 -21.85 -34.75
C PRO D 43 -1.43 -21.75 -35.17
N GLY D 44 -2.22 -22.74 -34.77
CA GLY D 44 -3.64 -22.72 -35.10
C GLY D 44 -4.44 -21.54 -34.53
N GLU D 45 -4.51 -21.48 -33.20
CA GLU D 45 -5.39 -20.51 -32.53
C GLU D 45 -4.61 -19.50 -31.70
N ASP D 46 -5.27 -19.01 -30.65
CA ASP D 46 -4.70 -18.00 -29.77
C ASP D 46 -3.43 -18.50 -29.09
N ALA D 47 -2.55 -17.58 -28.73
CA ALA D 47 -1.40 -17.91 -27.92
C ALA D 47 -1.78 -18.49 -26.55
N TYR D 48 -0.81 -19.15 -25.92
CA TYR D 48 -0.95 -19.56 -24.54
C TYR D 48 -0.39 -18.44 -23.71
N TYR D 49 -1.12 -18.05 -22.68
CA TYR D 49 -0.68 -17.01 -21.80
C TYR D 49 -0.58 -17.61 -20.42
N LEU D 50 0.56 -17.35 -19.78
CA LEU D 50 0.70 -17.56 -18.35
C LEU D 50 1.26 -16.26 -17.84
N GLN D 51 0.39 -15.40 -17.31
CA GLN D 51 0.85 -14.06 -16.97
C GLN D 51 0.40 -13.64 -15.58
N PRO D 52 0.84 -14.37 -14.56
CA PRO D 52 0.49 -14.11 -13.16
C PRO D 52 1.07 -12.81 -12.61
N ARG D 53 0.47 -12.27 -11.55
CA ARG D 53 1.19 -11.34 -10.70
C ARG D 53 1.79 -12.21 -9.60
N LEU D 54 3.12 -12.23 -9.54
CA LEU D 54 3.82 -13.20 -8.72
C LEU D 54 3.57 -12.98 -7.22
N PHE D 55 3.63 -14.06 -6.46
CA PHE D 55 3.57 -13.98 -5.01
C PHE D 55 4.59 -12.99 -4.52
N GLY D 56 5.85 -13.37 -4.59
CA GLY D 56 6.95 -12.56 -4.11
C GLY D 56 7.56 -11.69 -5.19
N LYS D 57 8.57 -10.90 -4.82
CA LYS D 57 9.27 -10.10 -5.82
C LYS D 57 10.46 -10.88 -6.32
N ILE D 58 10.97 -10.50 -7.47
CA ILE D 58 12.07 -11.23 -8.08
C ILE D 58 13.15 -10.33 -8.67
N ILE D 59 14.26 -10.92 -9.11
CA ILE D 59 15.33 -10.15 -9.72
C ILE D 59 15.33 -10.47 -11.20
N PRO D 60 14.72 -9.61 -11.99
CA PRO D 60 14.46 -9.96 -13.39
C PRO D 60 15.70 -10.22 -14.20
N ASP D 61 16.82 -9.56 -13.91
CA ASP D 61 18.06 -9.79 -14.66
C ASP D 61 18.67 -11.14 -14.33
N LYS D 62 18.36 -11.65 -13.14
CA LYS D 62 18.87 -12.93 -12.72
C LYS D 62 17.97 -14.07 -13.20
N CYS D 63 16.81 -13.75 -13.73
CA CYS D 63 15.88 -14.77 -14.21
C CYS D 63 16.31 -15.39 -15.56
N LYS D 64 16.16 -16.70 -15.68
CA LYS D 64 16.55 -17.46 -16.86
C LYS D 64 15.36 -18.28 -17.27
N TYR D 65 15.40 -18.87 -18.46
CA TYR D 65 14.43 -19.90 -18.83
C TYR D 65 15.02 -20.78 -19.92
N GLU D 66 14.39 -21.89 -20.20
CA GLU D 66 14.97 -22.87 -21.11
C GLU D 66 13.88 -23.64 -21.81
N VAL D 67 13.93 -23.67 -23.14
CA VAL D 67 12.92 -24.41 -23.87
C VAL D 67 13.49 -25.80 -24.11
N LEU D 68 12.67 -26.84 -23.89
CA LEU D 68 13.22 -28.16 -23.68
C LEU D 68 12.63 -29.36 -24.42
N SER D 69 11.52 -29.19 -25.13
CA SER D 69 10.97 -30.31 -25.94
C SER D 69 9.84 -31.06 -25.25
N THR D 70 9.88 -31.10 -23.93
CA THR D 70 8.78 -31.67 -23.17
C THR D 70 8.11 -30.56 -22.39
N LYS D 71 8.93 -29.58 -22.02
CA LYS D 71 8.53 -28.53 -21.12
C LYS D 71 9.39 -27.31 -21.30
N ILE D 72 8.94 -26.21 -20.74
CA ILE D 72 9.70 -24.99 -20.68
C ILE D 72 9.93 -24.69 -19.20
N GLU D 73 11.19 -24.67 -18.79
CA GLU D 73 11.54 -24.39 -17.40
C GLU D 73 11.89 -22.91 -17.28
N ILE D 74 11.39 -22.28 -16.22
CA ILE D 74 11.64 -20.87 -15.96
C ILE D 74 12.17 -20.76 -14.54
N CYS D 75 13.43 -20.37 -14.38
CA CYS D 75 14.00 -20.21 -13.04
C CYS D 75 13.82 -18.74 -12.65
N LEU D 76 12.86 -18.45 -11.78
CA LEU D 76 12.66 -17.12 -11.20
C LEU D 76 13.51 -16.91 -9.96
N ALA D 77 14.33 -15.85 -9.95
CA ALA D 77 15.23 -15.60 -8.82
C ALA D 77 14.56 -14.77 -7.73
N LYS D 78 14.30 -15.39 -6.58
CA LYS D 78 13.57 -14.70 -5.51
C LYS D 78 14.36 -13.48 -5.13
N ALA D 79 13.68 -12.36 -4.93
CA ALA D 79 14.35 -11.15 -4.48
C ALA D 79 14.66 -11.28 -3.01
N ASP D 80 13.72 -11.83 -2.25
CA ASP D 80 13.88 -12.05 -0.81
C ASP D 80 13.81 -13.53 -0.49
N ILE D 81 14.70 -14.01 0.38
CA ILE D 81 14.69 -15.42 0.78
C ILE D 81 13.51 -15.70 1.70
N ILE D 82 12.35 -15.96 1.09
CA ILE D 82 11.12 -16.15 1.83
C ILE D 82 10.29 -17.12 1.03
N THR D 83 9.73 -18.11 1.72
CA THR D 83 9.00 -19.16 1.05
C THR D 83 7.63 -18.74 0.52
N TRP D 84 7.43 -18.87 -0.79
CA TRP D 84 6.18 -18.48 -1.41
C TRP D 84 5.17 -19.56 -1.11
N ALA D 85 3.90 -19.18 -1.00
CA ALA D 85 2.82 -20.10 -0.68
C ALA D 85 1.96 -20.40 -1.89
N SER D 86 2.34 -19.84 -3.03
CA SER D 86 1.62 -20.07 -4.29
C SER D 86 2.39 -19.40 -5.40
N LEU D 87 2.12 -19.78 -6.64
CA LEU D 87 2.85 -19.11 -7.69
C LEU D 87 2.34 -17.70 -7.75
N GLU D 88 1.01 -17.57 -7.79
CA GLU D 88 0.32 -16.29 -7.97
C GLU D 88 0.02 -15.58 -6.67
N HIS D 89 -0.69 -14.46 -6.71
CA HIS D 89 -0.93 -13.68 -5.49
C HIS D 89 -2.34 -13.11 -5.45
N GLY D 90 -3.22 -13.75 -4.70
CA GLY D 90 -4.63 -13.39 -4.70
C GLY D 90 -5.04 -12.39 -3.63
N LYS E 1 -16.76 11.42 8.75
CA LYS E 1 -16.75 12.77 8.17
C LYS E 1 -17.65 12.84 6.91
N TYR E 2 -16.99 12.92 5.74
CA TYR E 2 -17.56 13.12 4.40
C TYR E 2 -16.32 12.96 3.49
N ARG E 3 -16.43 12.19 2.41
CA ARG E 3 -15.27 11.91 1.58
C ARG E 3 -14.93 13.07 0.62
N HIS E 4 -13.65 13.29 0.33
CA HIS E 4 -13.35 14.25 -0.73
C HIS E 4 -12.37 13.71 -1.73
N GLU E 5 -12.49 14.20 -2.97
CA GLU E 5 -11.58 13.85 -4.06
C GLU E 5 -11.20 15.09 -4.87
N TYR E 6 -10.26 14.95 -5.80
CA TYR E 6 -10.00 16.05 -6.71
C TYR E 6 -9.46 15.55 -8.02
N TYR E 7 -9.74 16.28 -9.09
CA TYR E 7 -9.13 16.03 -10.40
C TYR E 7 -8.61 17.35 -10.88
N GLN E 8 -7.79 17.34 -11.93
CA GLN E 8 -7.31 18.62 -12.44
C GLN E 8 -7.21 18.74 -13.95
N LYS E 9 -7.56 19.93 -14.45
CA LYS E 9 -7.30 20.33 -15.81
C LYS E 9 -6.05 21.18 -15.77
N PRO E 10 -5.53 21.59 -16.94
CA PRO E 10 -4.32 22.41 -16.90
C PRO E 10 -4.56 23.76 -16.21
N GLU E 11 -5.80 24.24 -16.21
CA GLU E 11 -6.06 25.58 -15.66
C GLU E 11 -6.80 25.60 -14.30
N GLU E 12 -7.61 24.58 -14.04
CA GLU E 12 -8.31 24.52 -12.78
C GLU E 12 -8.02 23.21 -12.04
N VAL E 13 -8.36 23.18 -10.76
CA VAL E 13 -8.32 21.98 -9.94
C VAL E 13 -9.75 21.89 -9.45
N VAL E 14 -10.30 20.68 -9.42
CA VAL E 14 -11.70 20.52 -9.02
C VAL E 14 -11.92 19.60 -7.80
N VAL E 15 -12.12 20.19 -6.64
CA VAL E 15 -12.31 19.41 -5.44
C VAL E 15 -13.77 19.06 -5.26
N THR E 16 -14.06 17.77 -5.13
CA THR E 16 -15.41 17.31 -4.83
C THR E 16 -15.55 16.88 -3.37
N VAL E 17 -16.60 17.36 -2.69
CA VAL E 17 -16.95 16.84 -1.38
C VAL E 17 -18.25 16.08 -1.53
N PHE E 18 -18.22 14.79 -1.23
CA PHE E 18 -19.39 13.94 -1.39
C PHE E 18 -20.26 14.07 -0.17
N ALA E 19 -21.27 14.90 -0.29
CA ALA E 19 -22.16 15.26 0.81
C ALA E 19 -23.59 15.32 0.30
N LYS E 20 -24.39 14.30 0.64
CA LYS E 20 -25.74 14.19 0.08
C LYS E 20 -26.71 15.19 0.72
N GLY E 21 -27.33 16.00 -0.13
CA GLY E 21 -28.44 16.84 0.27
C GLY E 21 -28.09 17.92 1.26
N ILE E 22 -26.87 18.41 1.16
CA ILE E 22 -26.49 19.54 1.98
C ILE E 22 -27.26 20.76 1.48
N PRO E 23 -27.92 21.48 2.39
CA PRO E 23 -28.63 22.75 2.15
C PRO E 23 -27.66 23.83 1.74
N LYS E 24 -27.96 24.50 0.63
CA LYS E 24 -27.09 25.56 0.11
C LYS E 24 -26.56 26.43 1.25
N GLN E 25 -27.41 26.58 2.27
CA GLN E 25 -27.17 27.45 3.42
C GLN E 25 -26.09 26.96 4.34
N ASN E 26 -25.88 25.65 4.42
CA ASN E 26 -24.97 25.12 5.42
C ASN E 26 -23.52 25.10 4.97
N VAL E 27 -23.32 25.22 3.67
CA VAL E 27 -21.97 25.23 3.12
C VAL E 27 -21.39 26.62 3.21
N ASN E 28 -20.30 26.76 3.95
CA ASN E 28 -19.54 27.99 3.92
C ASN E 28 -18.14 27.82 3.33
N ILE E 29 -17.92 28.35 2.14
CA ILE E 29 -16.62 28.16 1.49
C ILE E 29 -15.90 29.47 1.20
N ASP E 30 -14.65 29.59 1.64
CA ASP E 30 -13.87 30.79 1.35
C ASP E 30 -12.60 30.41 0.62
N PHE E 31 -12.02 31.36 -0.11
CA PHE E 31 -10.76 31.11 -0.81
C PHE E 31 -9.63 32.07 -0.44
N GLY E 32 -8.40 31.58 -0.53
CA GLY E 32 -7.23 32.41 -0.32
C GLY E 32 -6.20 32.17 -1.40
N GLU E 33 -5.14 32.96 -1.41
CA GLU E 33 -4.12 32.81 -2.45
C GLU E 33 -3.55 31.40 -2.48
N GLN E 34 -3.48 30.76 -1.32
CA GLN E 34 -3.02 29.38 -1.29
C GLN E 34 -3.75 28.55 -0.23
N ILE E 35 -4.93 28.98 0.15
CA ILE E 35 -5.76 28.13 1.00
C ILE E 35 -7.16 27.91 0.43
N LEU E 36 -7.80 26.84 0.87
CA LEU E 36 -9.20 26.61 0.61
C LEU E 36 -9.81 26.26 1.93
N SER E 37 -11.03 26.72 2.16
CA SER E 37 -11.75 26.38 3.37
C SER E 37 -13.18 26.00 3.05
N VAL E 38 -13.50 24.74 3.30
CA VAL E 38 -14.86 24.27 3.15
C VAL E 38 -15.36 23.86 4.50
N VAL E 39 -16.45 24.48 4.95
CA VAL E 39 -17.04 24.15 6.22
C VAL E 39 -18.55 23.93 6.10
N ILE E 40 -18.94 22.69 5.82
CA ILE E 40 -20.37 22.36 5.74
C ILE E 40 -20.86 22.12 7.17
N GLU E 41 -22.03 22.66 7.48
CA GLU E 41 -22.51 22.59 8.85
C GLU E 41 -23.38 21.36 9.05
N VAL E 42 -22.98 20.52 9.97
CA VAL E 42 -23.75 19.32 10.27
C VAL E 42 -24.61 19.63 11.49
N PRO E 43 -25.91 19.32 11.41
CA PRO E 43 -26.92 19.71 12.39
C PRO E 43 -26.69 19.07 13.77
N GLY E 44 -26.51 17.75 13.78
CA GLY E 44 -26.22 17.06 15.03
C GLY E 44 -24.96 17.53 15.74
N GLU E 45 -23.81 17.31 15.11
CA GLU E 45 -22.50 17.51 15.75
C GLU E 45 -21.67 18.63 15.14
N ASP E 46 -20.35 18.47 15.25
CA ASP E 46 -19.41 19.46 14.75
C ASP E 46 -19.51 19.58 13.24
N ALA E 47 -19.14 20.74 12.72
CA ALA E 47 -19.08 20.93 11.29
C ALA E 47 -18.06 20.00 10.62
N TYR E 48 -18.19 19.84 9.32
CA TYR E 48 -17.16 19.18 8.53
C TYR E 48 -16.20 20.27 8.11
N TYR E 49 -14.90 20.02 8.26
CA TYR E 49 -13.91 20.97 7.82
C TYR E 49 -13.06 20.30 6.76
N LEU E 50 -12.86 21.00 5.65
CA LEU E 50 -11.84 20.63 4.69
C LEU E 50 -11.05 21.90 4.48
N GLN E 51 -9.92 22.04 5.17
CA GLN E 51 -9.24 23.33 5.18
C GLN E 51 -7.75 23.19 4.91
N PRO E 52 -7.40 22.71 3.71
CA PRO E 52 -6.02 22.46 3.31
C PRO E 52 -5.22 23.74 3.07
N ARG E 53 -3.90 23.66 3.19
CA ARG E 53 -3.04 24.65 2.55
C ARG E 53 -2.76 24.08 1.17
N LEU E 54 -3.25 24.77 0.14
CA LEU E 54 -3.21 24.22 -1.22
C LEU E 54 -1.80 23.99 -1.73
N PHE E 55 -1.65 22.99 -2.58
CA PHE E 55 -0.39 22.79 -3.30
C PHE E 55 0.06 24.08 -3.95
N GLY E 56 -0.63 24.45 -5.03
CA GLY E 56 -0.26 25.63 -5.78
C GLY E 56 -1.03 26.85 -5.33
N LYS E 57 -0.80 27.97 -6.00
CA LYS E 57 -1.53 29.19 -5.69
C LYS E 57 -2.73 29.28 -6.63
N ILE E 58 -3.72 30.09 -6.26
CA ILE E 58 -4.95 30.18 -7.05
C ILE E 58 -5.46 31.62 -7.18
N ILE E 59 -6.50 31.79 -7.97
CA ILE E 59 -7.06 33.12 -8.16
C ILE E 59 -8.41 33.14 -7.49
N PRO E 60 -8.46 33.63 -6.25
CA PRO E 60 -9.67 33.48 -5.44
C PRO E 60 -10.92 34.09 -6.07
N ASP E 61 -10.80 35.17 -6.82
CA ASP E 61 -11.99 35.81 -7.39
C ASP E 61 -12.52 34.96 -8.53
N LYS E 62 -11.63 34.18 -9.13
CA LYS E 62 -12.01 33.32 -10.24
C LYS E 62 -12.57 31.97 -9.77
N CYS E 63 -12.42 31.67 -8.49
CA CYS E 63 -12.92 30.41 -7.93
C CYS E 63 -14.43 30.41 -7.75
N LYS E 64 -15.03 29.27 -8.11
CA LYS E 64 -16.47 29.08 -8.02
C LYS E 64 -16.74 27.83 -7.21
N TYR E 65 -17.97 27.64 -6.79
CA TYR E 65 -18.37 26.33 -6.27
C TYR E 65 -19.85 26.11 -6.45
N GLU E 66 -20.33 24.90 -6.22
CA GLU E 66 -21.70 24.57 -6.55
C GLU E 66 -22.19 23.48 -5.63
N VAL E 67 -23.31 23.73 -4.95
CA VAL E 67 -23.90 22.71 -4.10
C VAL E 67 -24.90 21.90 -4.93
N LEU E 68 -24.89 20.58 -4.83
CA LEU E 68 -25.50 19.78 -5.86
C LEU E 68 -26.44 18.64 -5.46
N SER E 69 -26.57 18.33 -4.18
CA SER E 69 -27.43 17.21 -3.75
C SER E 69 -26.74 15.83 -3.56
N THR E 70 -25.69 15.58 -4.33
CA THR E 70 -24.91 14.37 -4.15
C THR E 70 -23.55 14.76 -3.64
N LYS E 71 -23.12 15.95 -4.08
CA LYS E 71 -21.76 16.43 -3.88
C LYS E 71 -21.70 17.93 -3.97
N ILE E 72 -20.59 18.48 -3.51
CA ILE E 72 -20.32 19.89 -3.65
C ILE E 72 -19.08 19.98 -4.52
N GLU E 73 -19.20 20.61 -5.69
CA GLU E 73 -18.04 20.79 -6.57
C GLU E 73 -17.42 22.16 -6.35
N ILE E 74 -16.08 22.19 -6.29
CA ILE E 74 -15.36 23.43 -6.09
C ILE E 74 -14.33 23.57 -7.20
N CYS E 75 -14.51 24.55 -8.09
CA CYS E 75 -13.58 24.74 -9.19
C CYS E 75 -12.57 25.80 -8.76
N LEU E 76 -11.36 25.34 -8.40
CA LEU E 76 -10.26 26.22 -8.03
C LEU E 76 -9.45 26.66 -9.24
N ALA E 77 -9.32 27.96 -9.48
CA ALA E 77 -8.59 28.46 -10.64
C ALA E 77 -7.08 28.56 -10.38
N LYS E 78 -6.31 27.69 -11.03
CA LYS E 78 -4.86 27.70 -10.81
C LYS E 78 -4.35 29.08 -11.12
N ALA E 79 -3.45 29.60 -10.28
CA ALA E 79 -2.80 30.87 -10.59
C ALA E 79 -1.75 30.69 -11.70
N ASP E 80 -1.02 29.58 -11.63
CA ASP E 80 0.00 29.25 -12.62
C ASP E 80 -0.36 27.96 -13.31
N ILE E 81 -0.15 27.88 -14.62
CA ILE E 81 -0.38 26.64 -15.34
C ILE E 81 0.71 25.62 -15.03
N ILE E 82 0.50 24.87 -13.95
CA ILE E 82 1.48 23.90 -13.48
C ILE E 82 0.75 22.76 -12.80
N THR E 83 1.11 21.53 -13.15
CA THR E 83 0.38 20.39 -12.64
C THR E 83 0.64 20.11 -11.15
N TRP E 84 -0.42 20.14 -10.33
CA TRP E 84 -0.30 19.86 -8.91
C TRP E 84 -0.15 18.38 -8.71
N ALA E 85 0.55 18.00 -7.65
CA ALA E 85 0.86 16.61 -7.38
C ALA E 85 0.06 16.10 -6.21
N SER E 86 -0.77 16.97 -5.65
CA SER E 86 -1.65 16.60 -4.55
C SER E 86 -2.59 17.78 -4.28
N LEU E 87 -3.66 17.54 -3.55
CA LEU E 87 -4.53 18.67 -3.28
C LEU E 87 -3.80 19.57 -2.31
N GLU E 88 -3.28 18.96 -1.24
CA GLU E 88 -2.61 19.65 -0.14
C GLU E 88 -1.10 19.87 -0.38
N HIS E 89 -0.37 20.35 0.61
CA HIS E 89 1.04 20.66 0.41
C HIS E 89 1.91 20.38 1.63
N GLY E 90 2.78 19.39 1.48
CA GLY E 90 3.48 18.74 2.58
C GLY E 90 4.43 19.54 3.47
N LYS F 1 29.34 30.59 14.85
CA LYS F 1 29.39 31.85 15.57
C LYS F 1 28.66 31.73 16.91
N TYR F 2 27.47 32.33 16.99
CA TYR F 2 26.61 32.49 18.17
C TYR F 2 25.35 33.13 17.57
N ARG F 3 24.18 32.68 17.98
CA ARG F 3 22.93 33.16 17.36
C ARG F 3 22.46 34.50 17.96
N HIS F 4 21.88 35.38 17.14
CA HIS F 4 21.24 36.56 17.73
C HIS F 4 19.82 36.76 17.24
N GLU F 5 19.00 37.36 18.09
CA GLU F 5 17.62 37.71 17.79
C GLU F 5 17.33 39.13 18.30
N TYR F 6 16.16 39.66 17.98
CA TYR F 6 15.70 40.88 18.63
C TYR F 6 14.19 40.97 18.68
N TYR F 7 13.69 41.64 19.71
CA TYR F 7 12.29 41.99 19.78
C TYR F 7 12.21 43.46 20.10
N GLN F 8 11.03 44.07 19.96
CA GLN F 8 10.96 45.49 20.25
C GLN F 8 9.69 45.90 20.97
N LYS F 9 9.85 46.88 21.85
CA LYS F 9 8.74 47.60 22.45
C LYS F 9 8.69 48.95 21.73
N PRO F 10 7.66 49.76 22.02
CA PRO F 10 7.60 51.05 21.32
C PRO F 10 8.81 51.95 21.63
N GLU F 11 9.46 51.75 22.78
CA GLU F 11 10.52 52.66 23.17
C GLU F 11 11.91 52.04 23.13
N GLU F 12 12.01 50.73 23.28
CA GLU F 12 13.31 50.07 23.19
C GLU F 12 13.34 48.93 22.17
N VAL F 13 14.55 48.54 21.77
CA VAL F 13 14.80 47.39 20.92
C VAL F 13 15.67 46.50 21.78
N VAL F 14 15.43 45.19 21.80
CA VAL F 14 16.17 44.30 22.69
C VAL F 14 16.89 43.18 21.95
N VAL F 15 18.18 43.36 21.73
CA VAL F 15 18.95 42.37 21.01
C VAL F 15 19.44 41.31 21.98
N THR F 16 19.14 40.04 21.69
CA THR F 16 19.69 38.95 22.47
C THR F 16 20.81 38.23 21.71
N VAL F 17 21.94 37.98 22.37
CA VAL F 17 22.96 37.11 21.80
C VAL F 17 22.99 35.87 22.65
N PHE F 18 22.73 34.73 22.03
CA PHE F 18 22.67 33.46 22.76
C PHE F 18 24.05 32.89 22.90
N ALA F 19 24.63 33.11 24.09
CA ALA F 19 26.01 32.77 24.36
C ALA F 19 26.10 32.22 25.79
N LYS F 20 26.28 30.90 25.92
CA LYS F 20 26.24 30.27 27.23
C LYS F 20 27.50 30.51 28.04
N GLY F 21 27.32 31.08 29.23
CA GLY F 21 28.37 31.19 30.23
C GLY F 21 29.50 32.12 29.87
N ILE F 22 29.19 33.14 29.09
CA ILE F 22 30.21 34.11 28.76
C ILE F 22 30.55 34.88 30.03
N PRO F 23 31.86 34.97 30.34
CA PRO F 23 32.39 35.75 31.45
C PRO F 23 32.10 37.21 31.24
N LYS F 24 31.56 37.86 32.26
CA LYS F 24 31.25 39.29 32.19
C LYS F 24 32.39 40.05 31.49
N GLN F 25 33.61 39.60 31.75
CA GLN F 25 34.84 40.24 31.29
C GLN F 25 35.04 40.16 29.80
N ASN F 26 34.51 39.12 29.15
CA ASN F 26 34.83 38.89 27.74
C ASN F 26 33.95 39.69 26.80
N VAL F 27 32.81 40.16 27.32
CA VAL F 27 31.88 40.92 26.52
C VAL F 27 32.27 42.38 26.48
N ASN F 28 32.57 42.88 25.28
CA ASN F 28 32.80 44.31 25.10
C ASN F 28 31.77 44.96 24.19
N ILE F 29 30.91 45.77 24.78
CA ILE F 29 29.81 46.34 24.01
C ILE F 29 29.83 47.85 24.04
N ASP F 30 29.85 48.47 22.86
CA ASP F 30 29.80 49.93 22.75
C ASP F 30 28.58 50.39 21.95
N PHE F 31 28.13 51.62 22.19
CA PHE F 31 26.97 52.14 21.49
C PHE F 31 27.29 53.41 20.74
N GLY F 32 26.56 53.64 19.64
CA GLY F 32 26.67 54.84 18.84
C GLY F 32 25.29 55.36 18.46
N GLU F 33 25.21 56.55 17.88
CA GLU F 33 23.91 57.15 17.55
C GLU F 33 23.10 56.24 16.64
N GLN F 34 23.79 55.48 15.80
CA GLN F 34 23.13 54.53 14.93
C GLN F 34 23.97 53.26 14.70
N ILE F 35 24.86 52.95 15.62
CA ILE F 35 25.55 51.67 15.54
C ILE F 35 25.45 50.94 16.85
N LEU F 36 25.62 49.62 16.79
CA LEU F 36 25.82 48.80 17.97
C LEU F 36 27.04 47.96 17.70
N SER F 37 27.83 47.71 18.72
CA SER F 37 28.98 46.81 18.57
C SER F 37 29.08 45.86 19.74
N VAL F 38 28.90 44.58 19.46
CA VAL F 38 29.06 43.56 20.46
C VAL F 38 30.24 42.70 20.06
N VAL F 39 31.23 42.61 20.93
CA VAL F 39 32.37 41.76 20.66
C VAL F 39 32.68 40.89 21.86
N ILE F 40 32.10 39.68 21.88
CA ILE F 40 32.39 38.73 22.96
C ILE F 40 33.67 37.99 22.57
N GLU F 41 34.57 37.82 23.54
CA GLU F 41 35.87 37.25 23.24
C GLU F 41 35.85 35.74 23.40
N VAL F 42 36.17 35.04 22.32
CA VAL F 42 36.21 33.59 22.37
C VAL F 42 37.65 33.18 22.52
N PRO F 43 37.91 32.33 23.52
CA PRO F 43 39.27 31.97 23.98
C PRO F 43 40.10 31.27 22.90
N GLY F 44 39.54 30.21 22.31
CA GLY F 44 40.20 29.52 21.23
C GLY F 44 40.56 30.38 20.01
N GLU F 45 39.52 30.89 19.33
CA GLU F 45 39.70 31.57 18.05
C GLU F 45 39.31 33.05 18.07
N ASP F 46 38.90 33.53 16.91
CA ASP F 46 38.54 34.92 16.73
C ASP F 46 37.35 35.27 17.60
N ALA F 47 37.25 36.55 17.95
CA ALA F 47 36.09 37.06 18.68
C ALA F 47 34.79 36.91 17.88
N TYR F 48 33.67 37.00 18.58
CA TYR F 48 32.38 37.08 17.93
C TYR F 48 32.10 38.55 17.76
N TYR F 49 31.65 38.91 16.57
CA TYR F 49 31.33 40.30 16.30
C TYR F 49 29.89 40.35 15.89
N LEU F 50 29.16 41.26 16.52
CA LEU F 50 27.85 41.62 16.05
C LEU F 50 27.90 43.11 15.95
N GLN F 51 28.17 43.63 14.76
CA GLN F 51 28.42 45.05 14.64
C GLN F 51 27.61 45.73 13.55
N PRO F 52 26.28 45.74 13.70
CA PRO F 52 25.34 46.26 12.69
C PRO F 52 25.37 47.78 12.59
N ARG F 53 24.97 48.35 11.45
CA ARG F 53 24.54 49.74 11.44
C ARG F 53 23.05 49.66 11.70
N LEU F 54 22.60 50.24 12.80
CA LEU F 54 21.24 50.01 13.25
C LEU F 54 20.20 50.61 12.34
N PHE F 55 19.01 50.02 12.32
CA PHE F 55 17.89 50.58 11.58
C PHE F 55 17.68 52.02 11.98
N GLY F 56 17.18 52.22 13.19
CA GLY F 56 16.88 53.55 13.68
C GLY F 56 18.01 54.15 14.48
N LYS F 57 17.78 55.34 15.00
CA LYS F 57 18.78 55.97 15.85
C LYS F 57 18.46 55.65 17.30
N ILE F 58 19.47 55.78 18.16
CA ILE F 58 19.30 55.42 19.57
C ILE F 58 19.95 56.45 20.53
N ILE F 59 19.68 56.28 21.82
CA ILE F 59 20.26 57.15 22.82
C ILE F 59 21.30 56.35 23.55
N PRO F 60 22.56 56.50 23.15
CA PRO F 60 23.62 55.64 23.68
C PRO F 60 23.75 55.65 25.21
N ASP F 61 23.52 56.77 25.87
CA ASP F 61 23.72 56.86 27.32
C ASP F 61 22.63 56.08 28.02
N LYS F 62 21.49 55.96 27.35
CA LYS F 62 20.32 55.27 27.92
C LYS F 62 20.39 53.78 27.64
N CYS F 63 21.32 53.35 26.81
CA CYS F 63 21.47 51.92 26.50
C CYS F 63 22.13 51.14 27.61
N LYS F 64 21.61 49.95 27.88
CA LYS F 64 22.09 49.08 28.94
C LYS F 64 22.37 47.73 28.30
N TYR F 65 23.07 46.86 29.03
CA TYR F 65 23.13 45.45 28.64
C TYR F 65 23.39 44.58 29.84
N GLU F 66 23.29 43.27 29.68
CA GLU F 66 23.34 42.38 30.83
C GLU F 66 23.82 41.00 30.41
N VAL F 67 24.87 40.53 31.08
CA VAL F 67 25.41 39.21 30.77
C VAL F 67 24.76 38.23 31.70
N LEU F 68 24.29 37.11 31.17
CA LEU F 68 23.27 36.31 31.86
C LEU F 68 23.45 34.80 31.98
N SER F 69 24.46 34.21 31.33
CA SER F 69 24.72 32.78 31.49
C SER F 69 24.12 31.92 30.36
N THR F 70 22.99 32.35 29.84
CA THR F 70 22.39 31.69 28.68
C THR F 70 22.50 32.59 27.47
N LYS F 71 22.47 33.88 27.76
CA LYS F 71 22.37 34.91 26.74
C LYS F 71 22.84 36.24 27.28
N ILE F 72 23.08 37.17 26.36
CA ILE F 72 23.45 38.52 26.69
C ILE F 72 22.32 39.37 26.14
N GLU F 73 21.60 40.08 27.01
CA GLU F 73 20.52 40.97 26.59
C GLU F 73 21.05 42.39 26.46
N ILE F 74 20.67 43.07 25.39
CA ILE F 74 21.07 44.43 25.14
C ILE F 74 19.81 45.26 24.90
N CYS F 75 19.50 46.18 25.82
CA CYS F 75 18.31 47.04 25.69
C CYS F 75 18.77 48.33 25.01
N LEU F 76 18.48 48.48 23.73
CA LEU F 76 18.76 49.69 22.97
C LEU F 76 17.59 50.68 23.08
N ALA F 77 17.86 51.90 23.49
CA ALA F 77 16.81 52.90 23.67
C ALA F 77 16.54 53.68 22.38
N LYS F 78 15.38 53.44 21.77
CA LYS F 78 15.09 54.10 20.50
C LYS F 78 15.16 55.58 20.72
N ALA F 79 15.71 56.30 19.76
CA ALA F 79 15.74 57.74 19.85
C ALA F 79 14.39 58.32 19.48
N ASP F 80 13.75 57.71 18.49
CA ASP F 80 12.43 58.12 18.02
C ASP F 80 11.46 56.99 18.20
N ILE F 81 10.23 57.29 18.60
CA ILE F 81 9.23 56.24 18.80
C ILE F 81 8.69 55.83 17.44
N ILE F 82 9.38 54.89 16.80
CA ILE F 82 9.03 54.44 15.47
C ILE F 82 9.42 52.99 15.35
N THR F 83 8.51 52.18 14.84
CA THR F 83 8.77 50.76 14.78
C THR F 83 9.81 50.36 13.74
N TRP F 84 10.88 49.72 14.20
CA TRP F 84 11.95 49.24 13.31
C TRP F 84 11.48 48.01 12.57
N ALA F 85 11.97 47.83 11.35
CA ALA F 85 11.52 46.73 10.51
C ALA F 85 12.59 45.66 10.43
N SER F 86 13.71 45.90 11.10
CA SER F 86 14.81 44.94 11.09
C SER F 86 15.83 45.43 12.09
N LEU F 87 16.75 44.56 12.50
CA LEU F 87 17.73 45.06 13.44
C LEU F 87 18.65 46.01 12.68
N GLU F 88 19.15 45.52 11.54
CA GLU F 88 20.11 46.23 10.71
C GLU F 88 19.46 47.17 9.69
N HIS F 89 20.24 47.73 8.78
CA HIS F 89 19.69 48.72 7.84
C HIS F 89 20.32 48.81 6.45
N GLY F 90 19.46 48.86 5.43
CA GLY F 90 19.82 49.44 4.13
C GLY F 90 20.54 48.59 3.09
PB ADP G . 1.10 -40.66 0.70
O1B ADP G . 0.19 -40.19 1.80
O2B ADP G . 0.92 -39.76 -0.51
O3B ADP G . 1.19 -42.20 0.56
PA ADP G . 3.88 -40.95 0.70
O1A ADP G . 5.10 -40.46 1.45
O2A ADP G . 3.44 -42.40 0.80
O3A ADP G . 2.56 -40.17 1.21
O5' ADP G . 4.05 -40.41 -0.83
C5' ADP G . 3.80 -39.03 -1.16
C4' ADP G . 3.82 -38.72 -2.66
O4' ADP G . 4.88 -39.41 -3.32
C3' ADP G . 2.54 -39.14 -3.36
O3' ADP G . 1.55 -38.09 -3.40
C2' ADP G . 3.00 -39.61 -4.74
O2' ADP G . 2.78 -38.65 -5.78
C1' ADP G . 4.49 -39.78 -4.63
N9 ADP G . 4.86 -41.20 -4.90
C8 ADP G . 5.45 -42.03 -4.02
N7 ADP G . 5.67 -43.27 -4.55
C5 ADP G . 5.21 -43.21 -5.81
C6 ADP G . 5.14 -44.18 -6.92
N6 ADP G . 5.62 -45.45 -6.77
N1 ADP G . 4.58 -43.75 -8.09
C2 ADP G . 4.13 -42.49 -8.20
N3 ADP G . 4.15 -41.57 -7.22
C4 ADP G . 4.68 -41.86 -6.03
PB ADP H . -6.14 -2.78 -13.99
O1B ADP H . -5.65 -3.98 -14.79
O2B ADP H . -5.24 -1.77 -13.19
O3B ADP H . -7.34 -3.10 -13.14
PA ADP H . -6.52 -0.60 -15.64
O1A ADP H . -5.25 -0.22 -14.92
O2A ADP H . -6.67 -0.33 -17.08
O3A ADP H . -6.74 -2.16 -15.35
O5' ADP H . -7.74 0.11 -14.87
C5' ADP H . -7.66 0.13 -13.44
C4' ADP H . -8.35 1.41 -13.01
O4' ADP H . -9.43 1.74 -13.91
C3' ADP H . -8.91 1.12 -11.63
O3' ADP H . -8.42 2.09 -10.68
C2' ADP H . -10.41 1.20 -11.81
O2' ADP H . -11.03 2.00 -10.79
C1' ADP H . -10.67 1.74 -13.22
N9 ADP H . -11.67 0.80 -13.83
C8 ADP H . -11.52 0.10 -14.97
N7 ADP H . -12.61 -0.66 -15.26
C5 ADP H . -13.50 -0.45 -14.25
C6 ADP H . -14.86 -0.94 -13.89
N6 ADP H . -15.50 -1.83 -14.71
N1 ADP H . -15.44 -0.48 -12.76
C2 ADP H . -14.80 0.40 -11.97
N3 ADP H . -13.57 0.89 -12.21
C4 ADP H . -12.87 0.51 -13.32
PB ADP I . 0.79 28.25 13.26
O1B ADP I . -0.57 27.76 12.79
O2B ADP I . 1.58 29.39 12.55
O3B ADP I . 1.75 27.15 13.60
PA ADP I . 0.44 30.31 15.05
O1A ADP I . 0.67 30.98 13.70
O2A ADP I . -0.65 30.81 15.94
O3A ADP I . 0.23 28.78 14.67
O5' ADP I . 1.83 30.34 15.88
C5' ADP I . 3.03 30.08 15.16
C4' ADP I . 4.23 30.60 15.95
O4' ADP I . 3.95 30.53 17.35
C3' ADP I . 5.40 29.67 15.61
O3' ADP I . 6.51 30.36 14.99
C2' ADP I . 5.79 29.02 16.92
O2' ADP I . 7.17 29.18 17.24
C1' ADP I . 4.89 29.65 17.99
N9 ADP I . 4.24 28.51 18.72
C8 ADP I . 2.93 28.33 18.93
N7 ADP I . 2.64 27.21 19.64
C5 ADP I . 3.83 26.63 19.91
C6 ADP I . 4.25 25.41 20.64
N6 ADP I . 3.33 24.57 21.22
N1 ADP I . 5.58 25.16 20.70
C2 ADP I . 6.47 25.99 20.12
N3 ADP I . 6.16 27.10 19.44
C4 ADP I . 4.87 27.48 19.30
#